data_6K1K
#
_entry.id   6K1K
#
_cell.length_a   107.950
_cell.length_b   109.460
_cell.length_c   183.380
_cell.angle_alpha   90.000
_cell.angle_beta   90.000
_cell.angle_gamma   90.000
#
_symmetry.space_group_name_H-M   'P 21 21 21'
#
loop_
_entity.id
_entity.type
_entity.pdbx_description
1 polymer 'Histone H3.1'
2 polymer 'Histone H4'
3 polymer 'Histone H2AX'
4 polymer 'Histone H2B type 1-J'
5 polymer 'DNA (145-MER)'
6 polymer 'DNA (145-MER)'
7 non-polymer 'CHLORIDE ION'
8 non-polymer 'MANGANESE (II) ION'
9 non-polymer 'POTASSIUM ION'
10 water water
#
loop_
_entity_poly.entity_id
_entity_poly.type
_entity_poly.pdbx_seq_one_letter_code
_entity_poly.pdbx_strand_id
1 'polypeptide(L)'
;GSHMARTKQTARKSTGGKAPRKQLATKAARKSAPATGGVKKPHRYRPGTVALREIRRYQKSTELLIRKLPFQRLVREIAQ
DFKTDLRFQSSAVMALQEACEAYLVGLFEDTNLCAIHAKRVTIMPKDIQLARRIRGERA
;
A,E
2 'polypeptide(L)'
;GSHMSGRGKGGKGLGKGGAKRHRKVLRDNIQGITKPAIRRLARRGGVKRISGLIYEETRGVLKVFLENVIRDAVTYTEHA
KRKTVTAMDVVYALKRQGRTLYGFGG
;
B,F
3 'polypeptide(L)'
;GSHMSGRGKTGGKARAKAKSRSSRAGLQFPVGRVHRLLRKGHYAERVGAGAPVYLAAVLEYLTAEILELAGNAARDNKKT
RIIPRHLQLAIRNDEELNKLLGGVTIAQGGVLPNIQAVLLPKKTSATVGPKAPSGGKKATQAEQEY
;
C,G
4 'polypeptide(L)'
;GSHMPEPAKSAPAPKKGSKKAVTKAQKKDGKKRKRSRKESYSIYVYKVLKQVHPDTGISSKAMGIMNSFVNDIFERIAGE
ASRLAHYNKRSTITSREIQTAVRLLLPGELAKHAVSEGTKAVTKYTSAK
;
D,H
5 'polydeoxyribonucleotide'
;(DA)(DT)(DC)(DA)(DC)(DA)(DA)(DT)(DC)(DC)(DC)(DG)(DG)(DT)(DG)(DC)(DC)(DG)(DA)(DG)
(DG)(DC)(DC)(DG)(DC)(DT)(DC)(DA)(DA)(DT)(DT)(DG)(DG)(DT)(DC)(DG)(DT)(DA)(DG)(DA)
(DC)(DA)(DG)(DC)(DT)(DC)(DT)(DA)(DG)(DC)(DA)(DC)(DC)(DG)(DC)(DT)(DT)(DA)(DA)(DA)
(DC)(DG)(DC)(DA)(DC)(DG)(DT)(DA)(DC)(DG)(DG)(DA)(DA)(DT)(DC)(DC)(DG)(DT)(DA)(DC)
(DG)(DT)(DG)(DC)(DG)(DT)(DT)(DT)(DA)(DA)(DG)(DC)(DG)(DG)(DT)(DG)(DC)(DT)(DA)(DG)
(DA)(DG)(DC)(DT)(DG)(DT)(DC)(DT)(DA)(DC)(DG)(DA)(DC)(DC)(DA)(DA)(DT)(DT)(DG)(DA)
(DG)(DC)(DG)(DG)(DC)(DC)(DT)(DC)(DG)(DG)(DC)(DA)(DC)(DC)(DG)(DG)(DG)(DA)(DT)(DT)
(DG)(DT)(DG)(DA)(DT)
;
I
6 'polydeoxyribonucleotide'
;(DA)(DT)(DC)(DA)(DC)(DA)(DA)(DT)(DC)(DC)(DC)(DG)(DG)(DT)(DG)(DC)(DC)(DG)(DA)(DG)
(DG)(DC)(DC)(DG)(DC)(DT)(DC)(DA)(DA)(DT)(DT)(DG)(DG)(DT)(DC)(DG)(DT)(DA)(DG)(DA)
(DC)(DA)(DG)(DC)(DT)(DC)(DT)(DA)(DG)(DC)(DA)(DC)(DC)(DG)(DC)(DT)(DT)(DA)(DA)(DA)
(DC)(DG)(DC)(DA)(DC)(DG)(DT)(DA)(DC)(DG)(DG)(DA)(DT)(DT)(DC)(DC)(DG)(DT)(DA)(DC)
(DG)(DT)(DG)(DC)(DG)(DT)(DT)(DT)(DA)(DA)(DG)(DC)(DG)(DG)(DT)(DG)(DC)(DT)(DA)(DG)
(DA)(DG)(DC)(DT)(DG)(DT)(DC)(DT)(DA)(DC)(DG)(DA)(DC)(DC)(DA)(DA)(DT)(DT)(DG)(DA)
(DG)(DC)(DG)(DG)(DC)(DC)(DT)(DC)(DG)(DG)(DC)(DA)(DC)(DC)(DG)(DG)(DG)(DA)(DT)(DT)
(DG)(DT)(DG)(DA)(DT)
;
J
#
loop_
_chem_comp.id
_chem_comp.type
_chem_comp.name
_chem_comp.formula
CL non-polymer 'CHLORIDE ION' 'Cl -1'
DA DNA linking 2'-DEOXYADENOSINE-5'-MONOPHOSPHATE 'C10 H14 N5 O6 P'
DC DNA linking 2'-DEOXYCYTIDINE-5'-MONOPHOSPHATE 'C9 H14 N3 O7 P'
DG DNA linking 2'-DEOXYGUANOSINE-5'-MONOPHOSPHATE 'C10 H14 N5 O7 P'
DT DNA linking THYMIDINE-5'-MONOPHOSPHATE 'C10 H15 N2 O8 P'
K non-polymer 'POTASSIUM ION' 'K 1'
MN non-polymer 'MANGANESE (II) ION' 'Mn 2'
#
# COMPACT_ATOMS: atom_id res chain seq x y z
N PRO A 42 24.54 -6.92 -49.16
CA PRO A 42 24.22 -6.17 -47.94
C PRO A 42 24.29 -7.06 -46.68
N HIS A 43 24.35 -6.45 -45.49
CA HIS A 43 24.23 -7.15 -44.17
C HIS A 43 22.84 -6.92 -43.57
N ARG A 44 22.23 -8.00 -43.06
CA ARG A 44 20.86 -7.96 -42.50
C ARG A 44 20.77 -8.86 -41.26
N TYR A 45 20.54 -8.25 -40.09
CA TYR A 45 20.27 -9.01 -38.84
C TYR A 45 18.90 -9.70 -38.96
N ARG A 46 18.80 -10.92 -38.43
CA ARG A 46 17.54 -11.68 -38.32
C ARG A 46 16.63 -10.95 -37.32
N PRO A 47 15.30 -10.92 -37.54
CA PRO A 47 14.42 -10.25 -36.58
C PRO A 47 14.56 -10.82 -35.16
N GLY A 48 14.74 -9.96 -34.16
CA GLY A 48 14.96 -10.36 -32.76
C GLY A 48 16.38 -10.07 -32.31
N THR A 49 17.34 -10.03 -33.22
CA THR A 49 18.77 -9.89 -32.85
C THR A 49 19.02 -8.47 -32.38
N VAL A 50 18.48 -7.48 -33.08
CA VAL A 50 18.71 -6.05 -32.70
C VAL A 50 17.83 -5.75 -31.47
N ALA A 51 16.65 -6.37 -31.38
CA ALA A 51 15.72 -6.22 -30.24
C ALA A 51 16.42 -6.69 -28.96
N LEU A 52 17.09 -7.85 -29.02
CA LEU A 52 17.89 -8.42 -27.92
C LEU A 52 19.08 -7.50 -27.60
N ARG A 53 19.85 -7.02 -28.57
CA ARG A 53 20.91 -6.03 -28.28
C ARG A 53 20.32 -4.86 -27.50
N GLU A 54 19.16 -4.34 -27.90
CA GLU A 54 18.54 -3.11 -27.31
C GLU A 54 18.18 -3.38 -25.84
N ILE A 55 17.63 -4.56 -25.55
CA ILE A 55 17.31 -4.98 -24.15
C ILE A 55 18.61 -4.94 -23.33
N ARG A 56 19.73 -5.44 -23.88
CA ARG A 56 21.03 -5.53 -23.14
C ARG A 56 21.51 -4.11 -22.93
N ARG A 57 21.40 -3.27 -23.94
CA ARG A 57 21.89 -1.87 -23.80
C ARG A 57 21.07 -1.08 -22.78
N TYR A 58 19.73 -1.13 -22.88
CA TYR A 58 18.85 -0.30 -22.01
C TYR A 58 18.83 -0.86 -20.57
N GLN A 59 18.96 -2.17 -20.37
CA GLN A 59 19.00 -2.73 -19.00
C GLN A 59 20.33 -2.40 -18.32
N LYS A 60 21.33 -1.99 -19.09
CA LYS A 60 22.70 -1.67 -18.62
C LYS A 60 22.72 -0.22 -18.16
N SER A 61 21.90 0.65 -18.76
CA SER A 61 21.93 2.12 -18.52
C SER A 61 20.82 2.59 -17.59
N THR A 62 20.92 3.82 -17.11
CA THR A 62 19.89 4.39 -16.21
C THR A 62 19.31 5.69 -16.79
N GLU A 63 19.69 6.10 -18.01
CA GLU A 63 19.28 7.41 -18.59
C GLU A 63 17.78 7.35 -18.91
N LEU A 64 17.11 8.47 -18.70
CA LEU A 64 15.69 8.69 -19.08
C LEU A 64 15.56 8.44 -20.59
N LEU A 65 14.52 7.73 -20.97
CA LEU A 65 14.28 7.16 -22.31
C LEU A 65 13.24 7.97 -23.11
N ILE A 66 12.47 8.83 -22.44
CA ILE A 66 11.52 9.76 -23.12
C ILE A 66 12.27 11.07 -23.25
N ARG A 67 12.28 11.70 -24.43
CA ARG A 67 12.92 13.03 -24.64
C ARG A 67 12.25 14.05 -23.73
N LYS A 68 13.03 14.97 -23.18
CA LYS A 68 12.65 15.72 -21.96
C LYS A 68 11.59 16.79 -22.28
N LEU A 69 11.75 17.48 -23.40
CA LEU A 69 10.91 18.64 -23.80
C LEU A 69 9.49 18.15 -24.02
N PRO A 70 9.30 17.12 -24.87
CA PRO A 70 7.98 16.52 -25.03
C PRO A 70 7.39 16.11 -23.68
N PHE A 71 8.19 15.48 -22.79
CA PHE A 71 7.66 15.01 -21.49
C PHE A 71 7.19 16.25 -20.75
N GLN A 72 7.98 17.31 -20.74
CA GLN A 72 7.67 18.54 -19.96
C GLN A 72 6.39 19.21 -20.53
N ARG A 73 6.17 19.20 -21.84
CA ARG A 73 4.93 19.83 -22.40
C ARG A 73 3.71 18.99 -22.01
N LEU A 74 3.81 17.66 -22.04
CA LEU A 74 2.70 16.76 -21.65
C LEU A 74 2.35 17.03 -20.19
N VAL A 75 3.34 17.18 -19.32
CA VAL A 75 3.11 17.49 -17.88
C VAL A 75 2.32 18.81 -17.77
N ARG A 76 2.75 19.87 -18.46
CA ARG A 76 2.13 21.23 -18.40
C ARG A 76 0.69 21.22 -18.97
N GLU A 77 0.45 20.53 -20.06
CA GLU A 77 -0.90 20.41 -20.68
C GLU A 77 -1.90 19.76 -19.70
N ILE A 78 -1.47 18.68 -19.04
CA ILE A 78 -2.31 17.91 -18.08
C ILE A 78 -2.53 18.76 -16.84
N ALA A 79 -1.47 19.38 -16.34
CA ALA A 79 -1.56 20.21 -15.11
C ALA A 79 -2.50 21.39 -15.37
N GLN A 80 -2.33 22.08 -16.50
CA GLN A 80 -3.17 23.21 -16.97
C GLN A 80 -4.66 22.90 -16.89
N ASP A 81 -5.07 21.76 -17.44
CA ASP A 81 -6.45 21.26 -17.43
C ASP A 81 -6.96 21.09 -15.99
N PHE A 82 -6.12 21.05 -14.95
CA PHE A 82 -6.58 20.91 -13.55
C PHE A 82 -6.61 22.28 -12.91
N LYS A 83 -5.54 23.06 -13.12
CA LYS A 83 -5.47 24.46 -12.66
C LYS A 83 -4.61 25.24 -13.65
N THR A 84 -5.07 26.46 -14.03
CA THR A 84 -4.35 27.37 -14.97
C THR A 84 -3.30 28.14 -14.18
N ASP A 85 -2.24 28.60 -14.85
CA ASP A 85 -1.21 29.49 -14.25
C ASP A 85 -0.44 28.73 -13.16
N LEU A 86 -0.10 27.47 -13.41
CA LEU A 86 0.89 26.73 -12.60
C LEU A 86 2.26 26.88 -13.26
N ARG A 87 3.25 27.17 -12.42
CA ARG A 87 4.69 27.01 -12.71
C ARG A 87 5.18 25.66 -12.16
N PHE A 88 6.34 25.18 -12.64
CA PHE A 88 7.00 23.93 -12.16
C PHE A 88 8.44 24.21 -11.82
N GLN A 89 8.92 23.79 -10.64
CA GLN A 89 10.38 23.59 -10.45
C GLN A 89 10.86 22.61 -11.52
N SER A 90 12.05 22.80 -12.08
CA SER A 90 12.61 21.89 -13.10
C SER A 90 12.68 20.49 -12.49
N SER A 91 13.07 20.42 -11.22
CA SER A 91 13.23 19.15 -10.46
C SER A 91 11.88 18.46 -10.26
N ALA A 92 10.76 19.20 -10.25
CA ALA A 92 9.39 18.62 -10.12
C ALA A 92 9.09 17.83 -11.39
N VAL A 93 9.41 18.39 -12.55
CA VAL A 93 9.20 17.68 -13.84
C VAL A 93 10.12 16.44 -13.89
N MET A 94 11.35 16.54 -13.38
CA MET A 94 12.32 15.41 -13.42
C MET A 94 11.81 14.33 -12.48
N ALA A 95 11.27 14.67 -11.31
CA ALA A 95 10.71 13.67 -10.39
C ALA A 95 9.55 12.95 -11.10
N LEU A 96 8.70 13.70 -11.83
CA LEU A 96 7.53 13.06 -12.46
C LEU A 96 8.10 12.16 -13.56
N GLN A 97 9.13 12.61 -14.28
CA GLN A 97 9.61 11.79 -15.41
C GLN A 97 10.26 10.50 -14.86
N GLU A 98 11.00 10.58 -13.76
CA GLU A 98 11.68 9.39 -13.14
C GLU A 98 10.59 8.41 -12.67
N ALA A 99 9.56 8.90 -11.99
CA ALA A 99 8.44 8.07 -11.50
C ALA A 99 7.69 7.46 -12.67
N CYS A 100 7.32 8.25 -13.69
CA CYS A 100 6.56 7.72 -14.88
C CYS A 100 7.37 6.64 -15.61
N GLU A 101 8.65 6.85 -15.82
CA GLU A 101 9.50 5.88 -16.56
C GLU A 101 9.60 4.61 -15.75
N ALA A 102 9.85 4.68 -14.45
CA ALA A 102 9.97 3.46 -13.61
C ALA A 102 8.62 2.72 -13.60
N TYR A 103 7.49 3.42 -13.44
CA TYR A 103 6.15 2.78 -13.49
C TYR A 103 6.01 2.02 -14.80
N LEU A 104 6.38 2.62 -15.95
CA LEU A 104 6.16 1.96 -17.27
C LEU A 104 7.12 0.79 -17.48
N VAL A 105 8.38 0.95 -17.06
CA VAL A 105 9.40 -0.13 -17.19
C VAL A 105 8.88 -1.34 -16.41
N GLY A 106 8.44 -1.14 -15.16
CA GLY A 106 7.80 -2.15 -14.28
C GLY A 106 6.57 -2.78 -14.93
N LEU A 107 5.68 -1.96 -15.54
CA LEU A 107 4.44 -2.45 -16.17
C LEU A 107 4.80 -3.36 -17.33
N PHE A 108 5.78 -2.97 -18.12
CA PHE A 108 6.21 -3.74 -19.31
C PHE A 108 6.80 -5.06 -18.85
N GLU A 109 7.47 -5.12 -17.70
CA GLU A 109 7.91 -6.43 -17.15
C GLU A 109 6.69 -7.33 -16.96
N ASP A 110 5.69 -6.84 -16.24
CA ASP A 110 4.50 -7.68 -15.91
C ASP A 110 3.83 -8.08 -17.21
N THR A 111 3.77 -7.14 -18.17
CA THR A 111 3.09 -7.30 -19.47
C THR A 111 3.80 -8.41 -20.23
N ASN A 112 5.12 -8.38 -20.28
CA ASN A 112 5.97 -9.44 -20.90
C ASN A 112 5.62 -10.80 -20.28
N LEU A 113 5.52 -10.89 -18.96
CA LEU A 113 5.19 -12.18 -18.30
C LEU A 113 3.78 -12.62 -18.73
N CYS A 114 2.85 -11.69 -18.97
CA CYS A 114 1.48 -12.06 -19.41
C CYS A 114 1.50 -12.62 -20.85
N ALA A 115 2.26 -12.01 -21.77
CA ALA A 115 2.49 -12.48 -23.15
C ALA A 115 3.05 -13.91 -23.11
N ILE A 116 4.15 -14.11 -22.38
CA ILE A 116 4.88 -15.40 -22.30
C ILE A 116 3.93 -16.42 -21.66
N HIS A 117 3.13 -16.04 -20.65
CA HIS A 117 2.14 -16.97 -20.04
C HIS A 117 1.24 -17.56 -21.12
N ALA A 118 0.93 -16.78 -22.15
CA ALA A 118 0.01 -17.15 -23.25
C ALA A 118 0.78 -17.78 -24.41
N LYS A 119 2.08 -18.07 -24.21
CA LYS A 119 2.98 -18.76 -25.18
C LYS A 119 3.22 -17.84 -26.37
N ARG A 120 3.24 -16.52 -26.12
CA ARG A 120 3.59 -15.52 -27.14
C ARG A 120 4.93 -14.91 -26.76
N VAL A 121 5.51 -14.18 -27.69
CA VAL A 121 6.77 -13.40 -27.50
C VAL A 121 6.49 -11.91 -27.71
N THR A 122 5.27 -11.57 -28.08
CA THR A 122 4.80 -10.27 -28.58
C THR A 122 3.85 -9.69 -27.54
N ILE A 123 4.18 -8.57 -26.91
CA ILE A 123 3.28 -7.99 -25.87
C ILE A 123 2.08 -7.41 -26.64
N MET A 124 0.86 -7.55 -26.10
CA MET A 124 -0.37 -6.98 -26.72
C MET A 124 -1.14 -6.19 -25.67
N PRO A 125 -2.08 -5.29 -26.06
CA PRO A 125 -2.87 -4.54 -25.11
C PRO A 125 -3.59 -5.44 -24.11
N LYS A 126 -4.00 -6.66 -24.47
CA LYS A 126 -4.69 -7.56 -23.51
C LYS A 126 -3.72 -7.96 -22.37
N ASP A 127 -2.41 -8.01 -22.64
CA ASP A 127 -1.37 -8.37 -21.62
C ASP A 127 -1.28 -7.20 -20.63
N ILE A 128 -1.25 -5.97 -21.14
CA ILE A 128 -1.22 -4.76 -20.28
C ILE A 128 -2.49 -4.76 -19.42
N GLN A 129 -3.62 -5.17 -19.99
CA GLN A 129 -4.94 -5.06 -19.33
C GLN A 129 -4.95 -6.10 -18.19
N LEU A 130 -4.43 -7.28 -18.45
CA LEU A 130 -4.39 -8.33 -17.40
C LEU A 130 -3.47 -7.86 -16.27
N ALA A 131 -2.28 -7.37 -16.58
CA ALA A 131 -1.29 -6.97 -15.56
C ALA A 131 -1.88 -5.84 -14.71
N ARG A 132 -2.58 -4.91 -15.34
CA ARG A 132 -3.21 -3.77 -14.64
C ARG A 132 -4.37 -4.28 -13.78
N ARG A 133 -5.18 -5.22 -14.28
CA ARG A 133 -6.29 -5.85 -13.53
C ARG A 133 -5.72 -6.56 -12.29
N ILE A 134 -4.69 -7.37 -12.46
CA ILE A 134 -4.15 -8.13 -11.31
C ILE A 134 -3.43 -7.20 -10.34
N ARG A 135 -2.83 -6.11 -10.82
CA ARG A 135 -2.18 -5.08 -9.98
C ARG A 135 -3.20 -4.31 -9.14
N GLY A 136 -4.48 -4.32 -9.53
CA GLY A 136 -5.56 -3.60 -8.82
C GLY A 136 -5.64 -2.17 -9.29
N GLU A 137 -5.16 -1.89 -10.50
CA GLU A 137 -5.17 -0.54 -11.13
C GLU A 137 -6.46 -0.37 -11.93
N ARG A 138 -7.12 -1.48 -12.27
CA ARG A 138 -8.21 -1.58 -13.27
C ARG A 138 -9.26 -2.51 -12.67
N ALA A 139 -10.54 -2.28 -12.96
CA ALA A 139 -11.65 -3.14 -12.50
C ALA A 139 -11.63 -4.47 -13.28
N LYS B 20 0.98 40.43 -20.99
CA LYS B 20 1.34 39.05 -20.53
C LYS B 20 1.25 38.09 -21.72
N ARG B 21 2.37 37.98 -22.46
CA ARG B 21 2.51 37.25 -23.76
C ARG B 21 1.52 36.08 -23.88
N HIS B 22 1.25 35.37 -22.77
CA HIS B 22 0.51 34.09 -22.76
C HIS B 22 1.29 33.10 -23.62
N ARG B 23 1.80 32.02 -23.02
CA ARG B 23 2.44 30.90 -23.74
C ARG B 23 1.44 30.38 -24.78
N LYS B 24 1.94 29.71 -25.83
CA LYS B 24 1.05 29.08 -26.83
C LYS B 24 0.10 28.11 -26.12
N VAL B 25 -0.91 27.69 -26.87
CA VAL B 25 -1.92 26.70 -26.46
C VAL B 25 -1.26 25.32 -26.55
N LEU B 26 -1.37 24.50 -25.51
CA LEU B 26 -0.82 23.12 -25.57
C LEU B 26 -1.92 22.20 -26.07
N ARG B 27 -1.66 21.48 -27.18
CA ARG B 27 -2.56 20.44 -27.72
C ARG B 27 -1.76 19.21 -28.16
N ASP B 28 -2.35 18.01 -28.01
CA ASP B 28 -1.91 16.70 -28.56
C ASP B 28 -0.47 16.32 -28.09
N ASN B 29 0.03 16.83 -26.99
CA ASN B 29 1.43 16.58 -26.50
C ASN B 29 1.65 15.11 -26.08
N ILE B 30 0.59 14.36 -25.82
CA ILE B 30 0.63 12.90 -25.60
C ILE B 30 1.44 12.30 -26.76
N GLN B 31 1.46 12.91 -27.94
CA GLN B 31 2.09 12.27 -29.16
C GLN B 31 3.59 12.49 -29.14
N GLY B 32 4.08 13.31 -28.22
CA GLY B 32 5.52 13.44 -27.96
C GLY B 32 6.06 12.25 -27.18
N ILE B 33 5.18 11.37 -26.70
CA ILE B 33 5.56 10.02 -26.22
C ILE B 33 5.51 9.14 -27.47
N THR B 34 6.62 9.12 -28.21
CA THR B 34 6.77 8.52 -29.57
C THR B 34 6.91 7.01 -29.47
N LYS B 35 6.64 6.34 -30.57
CA LYS B 35 6.82 4.89 -30.74
C LYS B 35 8.24 4.47 -30.30
N PRO B 36 9.36 5.09 -30.73
CA PRO B 36 10.69 4.70 -30.23
C PRO B 36 10.90 4.90 -28.71
N ALA B 37 10.42 6.00 -28.13
CA ALA B 37 10.52 6.23 -26.68
C ALA B 37 9.85 5.08 -25.94
N ILE B 38 8.70 4.64 -26.42
CA ILE B 38 7.94 3.50 -25.83
C ILE B 38 8.67 2.18 -26.09
N ARG B 39 9.27 1.99 -27.27
CA ARG B 39 10.15 0.82 -27.54
C ARG B 39 11.26 0.79 -26.47
N ARG B 40 11.97 1.89 -26.26
CA ARG B 40 13.09 1.99 -25.30
C ARG B 40 12.62 1.52 -23.93
N LEU B 41 11.55 2.09 -23.42
CA LEU B 41 10.94 1.68 -22.13
C LEU B 41 10.65 0.17 -22.13
N ALA B 42 10.01 -0.36 -23.15
CA ALA B 42 9.70 -1.80 -23.24
C ALA B 42 10.99 -2.63 -23.19
N ARG B 43 12.06 -2.15 -23.84
CA ARG B 43 13.37 -2.84 -23.90
C ARG B 43 13.96 -2.90 -22.49
N ARG B 44 13.89 -1.80 -21.75
CA ARG B 44 14.37 -1.79 -20.36
C ARG B 44 13.55 -2.78 -19.55
N GLY B 45 12.27 -2.93 -19.93
CA GLY B 45 11.31 -3.83 -19.25
C GLY B 45 11.44 -5.26 -19.72
N GLY B 46 12.35 -5.53 -20.66
CA GLY B 46 12.74 -6.88 -21.11
C GLY B 46 11.97 -7.35 -22.32
N VAL B 47 11.33 -6.43 -23.04
CA VAL B 47 10.38 -6.77 -24.13
C VAL B 47 11.13 -6.90 -25.45
N LYS B 48 10.92 -8.00 -26.16
CA LYS B 48 11.55 -8.35 -27.45
C LYS B 48 10.67 -7.94 -28.63
N ARG B 49 9.35 -8.14 -28.53
CA ARG B 49 8.41 -7.97 -29.66
C ARG B 49 7.15 -7.25 -29.17
N ILE B 50 6.65 -6.33 -29.99
CA ILE B 50 5.67 -5.27 -29.62
C ILE B 50 4.60 -5.13 -30.71
N SER B 51 3.37 -5.56 -30.42
CA SER B 51 2.17 -5.35 -31.29
C SER B 51 1.99 -3.87 -31.59
N GLY B 52 1.44 -3.53 -32.76
CA GLY B 52 1.31 -2.11 -33.16
C GLY B 52 0.30 -1.35 -32.32
N LEU B 53 -0.65 -2.03 -31.66
CA LEU B 53 -1.66 -1.36 -30.81
C LEU B 53 -1.05 -1.00 -29.45
N ILE B 54 0.19 -1.40 -29.13
CA ILE B 54 0.79 -1.17 -27.78
C ILE B 54 1.01 0.33 -27.56
N TYR B 55 1.43 1.07 -28.59
CA TYR B 55 1.82 2.50 -28.52
C TYR B 55 0.64 3.34 -27.99
N GLU B 56 -0.56 3.19 -28.55
CA GLU B 56 -1.74 3.99 -28.09
C GLU B 56 -2.19 3.50 -26.70
N GLU B 57 -2.13 2.20 -26.42
CA GLU B 57 -2.49 1.70 -25.07
C GLU B 57 -1.53 2.30 -24.03
N THR B 58 -0.24 2.42 -24.36
CA THR B 58 0.77 2.92 -23.40
C THR B 58 0.49 4.38 -23.14
N ARG B 59 0.35 5.17 -24.20
CA ARG B 59 -0.04 6.59 -24.08
C ARG B 59 -1.22 6.73 -23.11
N GLY B 60 -2.28 5.92 -23.27
CA GLY B 60 -3.46 6.01 -22.40
C GLY B 60 -3.14 5.70 -20.95
N VAL B 61 -2.33 4.66 -20.72
CA VAL B 61 -1.94 4.21 -19.37
C VAL B 61 -1.09 5.30 -18.74
N LEU B 62 -0.21 5.92 -19.53
CA LEU B 62 0.71 6.95 -19.01
C LEU B 62 -0.11 8.16 -18.61
N LYS B 63 -1.02 8.59 -19.48
CA LYS B 63 -1.91 9.74 -19.21
C LYS B 63 -2.62 9.54 -17.87
N VAL B 64 -3.22 8.36 -17.65
CA VAL B 64 -3.92 8.10 -16.37
C VAL B 64 -2.94 8.24 -15.19
N PHE B 65 -1.75 7.66 -15.29
CA PHE B 65 -0.76 7.72 -14.20
C PHE B 65 -0.43 9.18 -13.96
N LEU B 66 -0.05 9.94 -15.01
CA LEU B 66 0.37 11.36 -14.86
C LEU B 66 -0.76 12.21 -14.28
N GLU B 67 -1.97 12.09 -14.83
CA GLU B 67 -3.15 12.82 -14.31
C GLU B 67 -3.26 12.55 -12.81
N ASN B 68 -3.19 11.27 -12.41
CA ASN B 68 -3.39 10.91 -10.97
C ASN B 68 -2.32 11.59 -10.10
N VAL B 69 -1.06 11.54 -10.48
CA VAL B 69 0.03 12.07 -9.60
C VAL B 69 -0.03 13.60 -9.63
N ILE B 70 -0.19 14.16 -10.82
CA ILE B 70 -0.28 15.64 -10.96
C ILE B 70 -1.46 16.15 -10.12
N ARG B 71 -2.61 15.47 -10.14
CA ARG B 71 -3.83 15.94 -9.42
C ARG B 71 -3.50 16.09 -7.93
N ASP B 72 -3.01 15.02 -7.29
CA ASP B 72 -2.50 15.05 -5.89
C ASP B 72 -1.43 16.14 -5.72
N ALA B 73 -0.45 16.25 -6.61
CA ALA B 73 0.65 17.21 -6.46
C ALA B 73 0.08 18.65 -6.48
N VAL B 74 -0.77 18.96 -7.44
CA VAL B 74 -1.36 20.32 -7.49
C VAL B 74 -2.22 20.52 -6.23
N THR B 75 -2.85 19.47 -5.69
CA THR B 75 -3.65 19.62 -4.46
C THR B 75 -2.73 20.08 -3.33
N TYR B 76 -1.52 19.50 -3.21
CA TYR B 76 -0.53 19.96 -2.18
C TYR B 76 -0.13 21.41 -2.46
N THR B 77 0.11 21.75 -3.72
CA THR B 77 0.54 23.09 -4.14
C THR B 77 -0.52 24.12 -3.70
N GLU B 78 -1.79 23.87 -4.03
CA GLU B 78 -2.97 24.70 -3.68
C GLU B 78 -3.01 24.88 -2.17
N HIS B 79 -2.86 23.79 -1.43
CA HIS B 79 -3.00 23.78 0.04
C HIS B 79 -1.99 24.73 0.67
N ALA B 80 -0.80 24.81 0.06
CA ALA B 80 0.36 25.61 0.52
C ALA B 80 0.29 27.04 -0.03
N LYS B 81 -0.71 27.36 -0.85
CA LYS B 81 -0.96 28.71 -1.39
C LYS B 81 0.19 29.11 -2.32
N ARG B 82 0.70 28.16 -3.11
CA ARG B 82 1.76 28.45 -4.10
C ARG B 82 1.15 28.34 -5.50
N LYS B 83 1.86 28.87 -6.49
CA LYS B 83 1.54 28.75 -7.94
C LYS B 83 2.62 27.92 -8.64
N THR B 84 3.56 27.40 -7.84
CA THR B 84 4.77 26.66 -8.28
C THR B 84 4.64 25.26 -7.68
N VAL B 85 4.50 24.23 -8.51
CA VAL B 85 4.52 22.81 -8.08
C VAL B 85 5.97 22.48 -7.69
N THR B 86 6.24 22.15 -6.42
CA THR B 86 7.61 21.77 -5.98
C THR B 86 7.85 20.29 -6.26
N ALA B 87 9.12 19.88 -6.29
CA ALA B 87 9.55 18.47 -6.26
C ALA B 87 8.89 17.81 -5.05
N MET B 88 8.83 18.48 -3.91
CA MET B 88 8.27 17.85 -2.70
C MET B 88 6.79 17.52 -2.90
N ASP B 89 6.02 18.33 -3.64
CA ASP B 89 4.57 18.10 -3.87
C ASP B 89 4.43 16.84 -4.71
N VAL B 90 5.29 16.66 -5.70
CA VAL B 90 5.34 15.40 -6.50
C VAL B 90 5.75 14.21 -5.61
N VAL B 91 6.83 14.36 -4.82
CA VAL B 91 7.30 13.28 -3.92
C VAL B 91 6.15 12.90 -2.97
N TYR B 92 5.43 13.85 -2.39
CA TYR B 92 4.31 13.55 -1.45
C TYR B 92 3.16 12.89 -2.20
N ALA B 93 2.91 13.29 -3.45
CA ALA B 93 1.85 12.72 -4.31
C ALA B 93 2.22 11.27 -4.67
N LEU B 94 3.48 11.02 -5.03
CA LEU B 94 3.94 9.64 -5.32
C LEU B 94 3.80 8.76 -4.07
N LYS B 95 4.08 9.28 -2.89
CA LYS B 95 4.05 8.44 -1.65
C LYS B 95 2.62 8.01 -1.38
N ARG B 96 1.67 8.94 -1.42
CA ARG B 96 0.19 8.70 -1.31
C ARG B 96 -0.21 7.53 -2.20
N GLN B 97 0.26 7.48 -3.45
CA GLN B 97 -0.12 6.48 -4.50
C GLN B 97 0.69 5.18 -4.33
N GLY B 98 1.45 5.01 -3.25
CA GLY B 98 2.31 3.82 -3.06
C GLY B 98 3.38 3.74 -4.16
N ARG B 99 3.99 4.88 -4.52
CA ARG B 99 5.01 4.97 -5.59
C ARG B 99 6.15 5.85 -5.09
N THR B 100 6.48 5.63 -3.80
CA THR B 100 7.58 6.30 -3.07
C THR B 100 8.79 6.42 -3.99
N LEU B 101 9.31 7.63 -4.11
CA LEU B 101 10.44 8.00 -4.97
C LEU B 101 11.56 8.52 -4.06
N TYR B 102 12.75 7.94 -4.17
CA TYR B 102 13.97 8.45 -3.49
C TYR B 102 14.77 9.35 -4.44
N GLY B 103 15.31 10.45 -3.91
CA GLY B 103 16.30 11.26 -4.65
C GLY B 103 15.86 12.69 -4.98
N PHE B 104 14.74 13.17 -4.45
CA PHE B 104 14.25 14.56 -4.73
C PHE B 104 13.78 15.21 -3.42
N GLY B 105 14.23 14.73 -2.26
CA GLY B 105 13.85 15.27 -0.92
C GLY B 105 12.91 14.34 -0.16
N GLY B 106 12.74 13.10 -0.61
CA GLY B 106 12.43 12.05 0.40
C GLY B 106 12.86 12.53 1.83
N ALA C 18 -29.12 25.32 21.54
CA ALA C 18 -28.22 24.27 21.00
C ALA C 18 -26.97 24.16 21.88
N LYS C 19 -27.07 23.43 23.00
CA LYS C 19 -25.94 23.11 23.92
C LYS C 19 -24.91 22.25 23.18
N SER C 20 -25.34 21.22 22.43
CA SER C 20 -24.40 20.28 21.75
C SER C 20 -23.93 20.86 20.41
N ARG C 21 -22.63 20.76 20.19
CA ARG C 21 -21.90 21.13 18.94
C ARG C 21 -22.50 20.40 17.72
N SER C 22 -22.97 19.16 17.88
CA SER C 22 -23.66 18.42 16.79
C SER C 22 -24.88 19.21 16.32
N SER C 23 -25.75 19.61 17.26
CA SER C 23 -27.03 20.34 17.02
C SER C 23 -26.71 21.67 16.34
N ARG C 24 -25.67 22.35 16.83
CA ARG C 24 -25.14 23.63 16.26
C ARG C 24 -24.67 23.41 14.81
N ALA C 25 -24.13 22.22 14.50
CA ALA C 25 -23.54 21.83 13.20
C ALA C 25 -24.61 21.23 12.26
N GLY C 26 -25.76 20.84 12.82
CA GLY C 26 -26.86 20.22 12.07
C GLY C 26 -26.59 18.74 11.87
N LEU C 27 -25.76 18.17 12.74
CA LEU C 27 -25.21 16.79 12.62
C LEU C 27 -25.83 15.82 13.63
N GLN C 28 -26.05 14.58 13.16
CA GLN C 28 -26.27 13.36 13.98
C GLN C 28 -24.96 12.90 14.63
N PHE C 29 -23.82 12.98 13.95
CA PHE C 29 -22.55 12.39 14.45
C PHE C 29 -22.01 13.30 15.56
N PRO C 30 -21.22 12.75 16.50
CA PRO C 30 -20.82 13.47 17.71
C PRO C 30 -19.54 14.33 17.60
N VAL C 31 -19.72 15.63 17.36
CA VAL C 31 -18.60 16.60 17.16
C VAL C 31 -17.63 16.56 18.33
N GLY C 32 -18.14 16.46 19.55
CA GLY C 32 -17.35 16.55 20.79
C GLY C 32 -16.41 15.37 20.92
N ARG C 33 -16.96 14.17 20.79
CA ARG C 33 -16.19 12.91 20.69
C ARG C 33 -15.07 13.01 19.63
N VAL C 34 -15.37 13.43 18.40
CA VAL C 34 -14.39 13.53 17.27
C VAL C 34 -13.26 14.50 17.66
N HIS C 35 -13.58 15.71 18.12
CA HIS C 35 -12.63 16.70 18.71
C HIS C 35 -11.72 16.00 19.72
N ARG C 36 -12.29 15.24 20.66
CA ARG C 36 -11.47 14.51 21.66
C ARG C 36 -10.52 13.53 20.94
N LEU C 37 -11.06 12.65 20.08
CA LEU C 37 -10.22 11.64 19.36
C LEU C 37 -9.14 12.37 18.55
N LEU C 38 -9.46 13.51 17.94
CA LEU C 38 -8.46 14.28 17.15
C LEU C 38 -7.34 14.74 18.08
N ARG C 39 -7.68 15.26 19.27
CA ARG C 39 -6.70 15.77 20.26
C ARG C 39 -5.86 14.62 20.81
N LYS C 40 -6.46 13.48 21.17
CA LYS C 40 -5.77 12.38 21.90
C LYS C 40 -4.95 11.51 20.94
N GLY C 41 -4.97 11.81 19.64
CA GLY C 41 -4.67 10.85 18.56
C GLY C 41 -3.29 11.05 17.95
N HIS C 42 -2.47 11.97 18.46
CA HIS C 42 -1.06 12.17 18.02
C HIS C 42 -1.05 12.57 16.53
N TYR C 43 -1.83 13.60 16.18
CA TYR C 43 -2.04 14.12 14.81
C TYR C 43 -1.40 15.51 14.70
N ALA C 44 -1.58 16.37 15.70
CA ALA C 44 -0.90 17.69 15.79
C ALA C 44 -0.90 18.21 17.22
N GLU C 45 -0.06 19.19 17.54
CA GLU C 45 -0.09 19.86 18.87
C GLU C 45 -1.46 20.56 19.04
N ARG C 46 -2.15 20.94 17.97
CA ARG C 46 -3.38 21.77 18.08
C ARG C 46 -4.46 21.33 17.06
N VAL C 47 -5.73 21.41 17.48
CA VAL C 47 -6.94 21.10 16.65
C VAL C 47 -7.91 22.29 16.66
N GLY C 48 -8.07 22.95 15.51
CA GLY C 48 -9.03 24.04 15.29
C GLY C 48 -10.45 23.58 15.54
N ALA C 49 -11.33 24.52 15.91
CA ALA C 49 -12.73 24.24 16.32
C ALA C 49 -13.50 23.67 15.12
N GLY C 50 -13.20 24.15 13.90
CA GLY C 50 -13.88 23.78 12.64
C GLY C 50 -13.58 22.35 12.18
N ALA C 51 -12.40 21.83 12.55
CA ALA C 51 -11.87 20.51 12.12
C ALA C 51 -12.85 19.40 12.46
N PRO C 52 -13.20 19.19 13.75
CA PRO C 52 -14.09 18.09 14.12
C PRO C 52 -15.52 18.23 13.57
N VAL C 53 -15.92 19.45 13.22
CA VAL C 53 -17.25 19.67 12.59
C VAL C 53 -17.17 19.11 11.16
N TYR C 54 -16.15 19.53 10.40
CA TYR C 54 -15.95 19.08 9.00
C TYR C 54 -15.82 17.55 9.04
N LEU C 55 -14.99 17.02 9.94
CA LEU C 55 -14.67 15.57 9.91
C LEU C 55 -15.93 14.79 10.26
N ALA C 56 -16.63 15.15 11.35
CA ALA C 56 -17.91 14.51 11.76
C ALA C 56 -18.88 14.50 10.58
N ALA C 57 -19.03 15.65 9.95
CA ALA C 57 -19.90 15.86 8.77
C ALA C 57 -19.48 14.87 7.67
N VAL C 58 -18.18 14.77 7.42
CA VAL C 58 -17.70 13.88 6.32
C VAL C 58 -18.06 12.46 6.71
N LEU C 59 -17.88 12.10 7.97
CA LEU C 59 -18.12 10.71 8.41
C LEU C 59 -19.63 10.38 8.28
N GLU C 60 -20.50 11.31 8.66
CA GLU C 60 -21.98 11.13 8.58
C GLU C 60 -22.36 10.90 7.12
N TYR C 61 -21.90 11.80 6.26
CA TYR C 61 -22.22 11.78 4.81
C TYR C 61 -21.85 10.40 4.25
N LEU C 62 -20.66 9.87 4.56
CA LEU C 62 -20.18 8.58 3.98
C LEU C 62 -21.03 7.45 4.56
N THR C 63 -21.31 7.50 5.86
CA THR C 63 -22.25 6.57 6.56
C THR C 63 -23.63 6.59 5.87
N ALA C 64 -24.26 7.75 5.71
CA ALA C 64 -25.58 7.86 5.02
C ALA C 64 -25.48 7.18 3.66
N GLU C 65 -24.44 7.49 2.90
CA GLU C 65 -24.27 7.05 1.50
C GLU C 65 -24.30 5.52 1.46
N ILE C 66 -23.61 4.86 2.38
CA ILE C 66 -23.54 3.38 2.30
C ILE C 66 -24.83 2.79 2.88
N LEU C 67 -25.39 3.39 3.95
CA LEU C 67 -26.64 2.88 4.59
C LEU C 67 -27.80 3.01 3.58
N GLU C 68 -27.81 4.07 2.75
CA GLU C 68 -28.75 4.26 1.61
C GLU C 68 -28.62 3.07 0.65
N LEU C 69 -27.41 2.79 0.14
CA LEU C 69 -27.24 1.71 -0.88
C LEU C 69 -27.47 0.34 -0.23
N ALA C 70 -27.06 0.21 1.04
CA ALA C 70 -27.22 -1.03 1.85
C ALA C 70 -28.72 -1.28 2.11
N GLY C 71 -29.46 -0.29 2.60
CA GLY C 71 -30.92 -0.40 2.74
C GLY C 71 -31.57 -0.87 1.44
N ASN C 72 -31.25 -0.24 0.31
CA ASN C 72 -31.74 -0.69 -1.01
C ASN C 72 -31.45 -2.19 -1.18
N ALA C 73 -30.24 -2.65 -0.88
CA ALA C 73 -29.88 -4.07 -1.12
C ALA C 73 -30.81 -4.96 -0.30
N ALA C 74 -31.04 -4.58 0.95
CA ALA C 74 -31.94 -5.27 1.89
C ALA C 74 -33.34 -5.41 1.24
N ARG C 75 -34.03 -4.31 0.93
CA ARG C 75 -35.34 -4.34 0.22
C ARG C 75 -35.24 -5.25 -1.01
N ASP C 76 -34.25 -5.07 -1.89
CA ASP C 76 -34.06 -5.92 -3.09
C ASP C 76 -34.10 -7.40 -2.71
N ASN C 77 -33.56 -7.78 -1.55
CA ASN C 77 -33.47 -9.18 -1.07
C ASN C 77 -34.63 -9.51 -0.10
N LYS C 78 -35.64 -8.64 0.01
CA LYS C 78 -36.88 -8.83 0.82
C LYS C 78 -36.49 -9.03 2.28
N LYS C 79 -35.64 -8.14 2.81
CA LYS C 79 -35.21 -8.12 4.22
C LYS C 79 -35.48 -6.74 4.81
N THR C 80 -35.75 -6.72 6.11
CA THR C 80 -36.01 -5.52 6.92
C THR C 80 -34.68 -5.00 7.45
N ARG C 81 -33.73 -5.92 7.66
CA ARG C 81 -32.46 -5.64 8.38
C ARG C 81 -31.28 -5.75 7.42
N ILE C 82 -30.45 -4.71 7.40
CA ILE C 82 -29.11 -4.73 6.73
C ILE C 82 -28.23 -5.75 7.44
N ILE C 83 -27.67 -6.72 6.71
CA ILE C 83 -26.56 -7.60 7.15
C ILE C 83 -25.27 -7.31 6.34
N PRO C 84 -24.12 -7.88 6.74
CA PRO C 84 -22.86 -7.62 6.04
C PRO C 84 -22.95 -7.83 4.53
N ARG C 85 -23.64 -8.88 4.09
CA ARG C 85 -23.83 -9.17 2.64
C ARG C 85 -24.41 -7.92 1.96
N HIS C 86 -25.39 -7.25 2.55
CA HIS C 86 -25.99 -6.04 1.93
C HIS C 86 -24.92 -4.95 1.80
N LEU C 87 -24.08 -4.77 2.84
CA LEU C 87 -22.99 -3.76 2.82
C LEU C 87 -22.04 -4.12 1.67
N GLN C 88 -21.74 -5.41 1.50
CA GLN C 88 -20.80 -5.90 0.47
C GLN C 88 -21.46 -5.65 -0.90
N LEU C 89 -22.72 -6.01 -1.09
CA LEU C 89 -23.39 -5.76 -2.40
C LEU C 89 -23.39 -4.26 -2.70
N ALA C 90 -23.66 -3.42 -1.71
CA ALA C 90 -23.79 -1.96 -1.89
C ALA C 90 -22.45 -1.39 -2.32
N ILE C 91 -21.37 -1.75 -1.61
CA ILE C 91 -20.02 -1.17 -1.84
C ILE C 91 -19.46 -1.65 -3.18
N ARG C 92 -19.49 -2.94 -3.45
CA ARG C 92 -18.80 -3.51 -4.64
C ARG C 92 -19.59 -3.11 -5.90
N ASN C 93 -20.90 -2.83 -5.84
CA ASN C 93 -21.69 -2.40 -7.04
C ASN C 93 -21.56 -0.89 -7.25
N ASP C 94 -21.01 -0.13 -6.30
CA ASP C 94 -20.79 1.34 -6.45
C ASP C 94 -19.32 1.59 -6.76
N GLU C 95 -19.05 2.18 -7.91
CA GLU C 95 -17.71 2.49 -8.46
C GLU C 95 -16.88 3.23 -7.39
N GLU C 96 -17.40 4.31 -6.84
CA GLU C 96 -16.63 5.22 -5.95
C GLU C 96 -16.39 4.51 -4.62
N LEU C 97 -17.40 3.86 -4.05
CA LEU C 97 -17.23 3.19 -2.74
C LEU C 97 -16.28 2.01 -2.91
N ASN C 98 -16.39 1.27 -4.03
CA ASN C 98 -15.52 0.10 -4.31
C ASN C 98 -14.06 0.57 -4.33
N LYS C 99 -13.80 1.77 -4.85
CA LYS C 99 -12.43 2.32 -5.00
C LYS C 99 -11.95 2.79 -3.63
N LEU C 100 -12.79 3.50 -2.86
CA LEU C 100 -12.47 3.95 -1.47
C LEU C 100 -12.07 2.75 -0.60
N LEU C 101 -12.85 1.67 -0.66
CA LEU C 101 -12.68 0.48 0.18
C LEU C 101 -12.02 -0.65 -0.62
N GLY C 102 -11.14 -0.32 -1.58
CA GLY C 102 -10.53 -1.36 -2.42
C GLY C 102 -9.63 -2.29 -1.62
N GLY C 103 -9.08 -1.86 -0.47
CA GLY C 103 -8.09 -2.64 0.31
C GLY C 103 -8.76 -3.37 1.48
N VAL C 104 -10.07 -3.38 1.55
CA VAL C 104 -10.85 -3.76 2.77
C VAL C 104 -11.64 -5.04 2.51
N THR C 105 -11.58 -5.98 3.46
CA THR C 105 -12.44 -7.18 3.57
C THR C 105 -13.57 -6.92 4.59
N ILE C 106 -14.81 -7.00 4.10
CA ILE C 106 -16.08 -7.06 4.87
C ILE C 106 -16.30 -8.50 5.32
N ALA C 107 -16.02 -8.79 6.60
CA ALA C 107 -16.35 -10.10 7.23
C ALA C 107 -17.76 -10.49 6.80
N GLN C 108 -17.95 -11.73 6.35
CA GLN C 108 -19.29 -12.32 6.04
C GLN C 108 -19.94 -11.53 4.90
N GLY C 109 -19.13 -11.02 3.97
CA GLY C 109 -19.65 -10.23 2.82
C GLY C 109 -19.87 -11.08 1.60
N GLY C 110 -19.10 -12.15 1.46
CA GLY C 110 -19.02 -12.93 0.21
C GLY C 110 -18.55 -12.06 -0.95
N VAL C 111 -18.84 -12.48 -2.18
CA VAL C 111 -18.44 -11.75 -3.41
C VAL C 111 -19.66 -11.50 -4.30
N LEU C 112 -19.50 -10.67 -5.32
CA LEU C 112 -20.54 -10.42 -6.35
C LEU C 112 -20.69 -11.65 -7.24
N PRO C 113 -21.93 -12.07 -7.57
CA PRO C 113 -22.14 -13.10 -8.59
C PRO C 113 -21.46 -12.62 -9.87
N ASN C 114 -20.56 -13.43 -10.43
CA ASN C 114 -19.76 -13.06 -11.63
C ASN C 114 -19.08 -14.31 -12.19
N ILE C 115 -19.58 -14.82 -13.31
CA ILE C 115 -18.98 -15.93 -14.08
C ILE C 115 -18.50 -15.42 -15.43
N GLN C 116 -17.20 -15.67 -15.71
CA GLN C 116 -16.55 -15.24 -16.98
C GLN C 116 -17.28 -15.89 -18.17
N ALA C 117 -17.65 -15.09 -19.16
CA ALA C 117 -18.42 -15.51 -20.36
C ALA C 117 -17.94 -16.88 -20.89
N VAL C 118 -16.63 -17.12 -21.05
CA VAL C 118 -16.10 -18.36 -21.70
C VAL C 118 -16.43 -19.59 -20.85
N LEU C 119 -16.83 -19.45 -19.59
CA LEU C 119 -17.13 -20.60 -18.71
C LEU C 119 -18.56 -21.12 -18.94
N LEU C 120 -19.47 -20.27 -19.43
CA LEU C 120 -20.91 -20.61 -19.70
C LEU C 120 -21.01 -21.68 -20.78
N PRO C 121 -22.01 -22.58 -20.73
CA PRO C 121 -22.23 -23.55 -21.80
C PRO C 121 -22.71 -22.82 -23.07
N LYS C 122 -22.84 -23.56 -24.18
CA LYS C 122 -22.88 -23.03 -25.57
C LYS C 122 -24.30 -22.59 -25.98
N LYS C 123 -25.31 -22.70 -25.09
CA LYS C 123 -26.73 -22.23 -25.23
C LYS C 123 -27.56 -23.25 -26.05
N THR C 124 -27.20 -24.55 -26.00
CA THR C 124 -27.61 -25.64 -26.94
C THR C 124 -27.25 -25.23 -28.38
N SER C 125 -27.66 -24.03 -28.83
CA SER C 125 -27.20 -23.31 -30.04
C SER C 125 -27.62 -24.04 -31.33
N ALA C 126 -28.84 -23.75 -31.80
CA ALA C 126 -29.43 -24.17 -33.10
C ALA C 126 -30.96 -24.03 -33.02
N THR C 127 -31.65 -25.07 -32.54
CA THR C 127 -33.09 -25.04 -32.12
C THR C 127 -33.28 -26.00 -30.94
N VAL C 128 -34.47 -25.97 -30.32
CA VAL C 128 -34.90 -26.78 -29.14
C VAL C 128 -33.85 -26.66 -28.02
N ARG D 33 -19.27 -7.29 38.59
CA ARG D 33 -20.27 -6.99 37.52
C ARG D 33 -19.97 -5.61 36.92
N LYS D 34 -20.71 -5.24 35.86
CA LYS D 34 -20.58 -3.97 35.07
C LYS D 34 -19.27 -4.02 34.26
N ARG D 35 -19.38 -4.42 32.98
CA ARG D 35 -18.25 -4.50 32.01
C ARG D 35 -17.63 -3.11 31.84
N SER D 36 -16.36 -3.05 31.42
CA SER D 36 -15.60 -1.80 31.16
C SER D 36 -16.15 -1.07 29.93
N ARG D 37 -16.37 0.23 30.04
CA ARG D 37 -16.90 1.12 28.95
C ARG D 37 -16.27 0.74 27.61
N LYS D 38 -17.09 0.44 26.60
CA LYS D 38 -16.64 0.12 25.22
C LYS D 38 -17.41 1.03 24.24
N GLU D 39 -16.79 2.16 23.87
CA GLU D 39 -17.38 3.21 22.97
C GLU D 39 -17.51 2.72 21.52
N SER D 40 -18.53 3.23 20.82
CA SER D 40 -18.91 2.84 19.45
C SER D 40 -19.74 3.96 18.82
N TYR D 41 -19.81 3.98 17.49
CA TYR D 41 -20.59 4.95 16.69
C TYR D 41 -22.01 4.43 16.45
N SER D 42 -22.35 3.29 17.07
CA SER D 42 -23.64 2.57 16.93
C SER D 42 -24.85 3.50 17.03
N ILE D 43 -24.91 4.40 18.02
CA ILE D 43 -26.17 5.19 18.20
C ILE D 43 -26.28 6.13 17.01
N TYR D 44 -25.16 6.63 16.48
CA TYR D 44 -25.15 7.61 15.38
C TYR D 44 -25.41 6.90 14.05
N VAL D 45 -24.93 5.68 13.90
CA VAL D 45 -25.22 4.88 12.67
C VAL D 45 -26.74 4.69 12.57
N TYR D 46 -27.39 4.27 13.67
CA TYR D 46 -28.86 4.05 13.77
C TYR D 46 -29.63 5.34 13.48
N LYS D 47 -29.20 6.46 14.05
CA LYS D 47 -29.84 7.80 13.84
C LYS D 47 -29.76 8.15 12.35
N VAL D 48 -28.65 7.84 11.69
CA VAL D 48 -28.50 8.11 10.23
C VAL D 48 -29.30 7.04 9.47
N LEU D 49 -29.27 5.76 9.89
CA LEU D 49 -30.08 4.71 9.23
C LEU D 49 -31.57 5.13 9.23
N LYS D 50 -32.06 5.73 10.32
CA LYS D 50 -33.50 6.08 10.48
C LYS D 50 -33.84 7.31 9.64
N GLN D 51 -32.88 8.20 9.36
CA GLN D 51 -33.11 9.35 8.45
C GLN D 51 -33.30 8.86 7.02
N VAL D 52 -32.69 7.73 6.66
CA VAL D 52 -32.42 7.33 5.26
C VAL D 52 -33.38 6.19 4.88
N HIS D 53 -33.57 5.23 5.78
CA HIS D 53 -34.49 4.08 5.65
C HIS D 53 -35.18 3.89 6.99
N PRO D 54 -36.25 4.67 7.29
CA PRO D 54 -36.87 4.69 8.62
C PRO D 54 -37.43 3.30 8.98
N ASP D 55 -37.70 2.46 7.97
CA ASP D 55 -38.37 1.14 8.13
C ASP D 55 -37.30 0.03 8.12
N THR D 56 -36.01 0.39 8.10
CA THR D 56 -34.90 -0.60 8.01
C THR D 56 -34.14 -0.67 9.34
N GLY D 57 -33.78 -1.89 9.74
CA GLY D 57 -32.88 -2.19 10.87
C GLY D 57 -31.50 -2.66 10.43
N ILE D 58 -30.74 -3.30 11.33
CA ILE D 58 -29.29 -3.63 11.09
C ILE D 58 -28.81 -4.67 12.11
N SER D 59 -28.26 -5.79 11.61
CA SER D 59 -27.66 -6.89 12.42
C SER D 59 -26.49 -6.38 13.26
N SER D 60 -26.15 -7.11 14.31
CA SER D 60 -24.98 -6.80 15.16
C SER D 60 -23.69 -6.77 14.34
N LYS D 61 -23.47 -7.79 13.50
CA LYS D 61 -22.24 -7.87 12.67
C LYS D 61 -22.19 -6.70 11.68
N ALA D 62 -23.30 -6.30 11.06
CA ALA D 62 -23.36 -5.18 10.10
C ALA D 62 -22.97 -3.87 10.81
N MET D 63 -23.36 -3.73 12.07
CA MET D 63 -23.03 -2.53 12.87
C MET D 63 -21.52 -2.56 13.14
N GLY D 64 -20.95 -3.75 13.31
CA GLY D 64 -19.49 -3.94 13.49
C GLY D 64 -18.73 -3.48 12.24
N ILE D 65 -19.24 -3.83 11.07
CA ILE D 65 -18.65 -3.41 9.78
C ILE D 65 -18.71 -1.88 9.67
N MET D 66 -19.83 -1.26 10.03
CA MET D 66 -20.04 0.21 9.95
C MET D 66 -19.11 0.91 10.93
N ASN D 67 -18.85 0.32 12.09
CA ASN D 67 -17.92 0.89 13.09
C ASN D 67 -16.48 0.85 12.56
N SER D 68 -16.04 -0.31 12.10
CA SER D 68 -14.75 -0.49 11.40
C SER D 68 -14.56 0.60 10.33
N PHE D 69 -15.60 0.88 9.55
CA PHE D 69 -15.57 1.86 8.43
C PHE D 69 -15.28 3.26 8.96
N VAL D 70 -16.07 3.73 9.93
CA VAL D 70 -15.92 5.09 10.54
C VAL D 70 -14.50 5.18 11.09
N ASN D 71 -14.05 4.16 11.84
CA ASN D 71 -12.68 4.19 12.41
C ASN D 71 -11.66 4.28 11.29
N ASP D 72 -11.83 3.48 10.23
CA ASP D 72 -10.89 3.42 9.10
C ASP D 72 -10.82 4.84 8.51
N ILE D 73 -11.94 5.43 8.09
CA ILE D 73 -11.93 6.74 7.37
C ILE D 73 -11.48 7.83 8.33
N PHE D 74 -11.85 7.77 9.61
CA PHE D 74 -11.34 8.74 10.60
C PHE D 74 -9.80 8.76 10.52
N GLU D 75 -9.19 7.58 10.65
CA GLU D 75 -7.72 7.33 10.64
C GLU D 75 -7.12 7.94 9.37
N ARG D 76 -7.69 7.61 8.20
CA ARG D 76 -7.11 8.04 6.91
C ARG D 76 -7.16 9.55 6.82
N ILE D 77 -8.30 10.17 7.16
CA ILE D 77 -8.48 11.64 6.99
C ILE D 77 -7.59 12.35 7.98
N ALA D 78 -7.62 11.94 9.25
CA ALA D 78 -6.77 12.55 10.29
C ALA D 78 -5.28 12.38 9.93
N GLY D 79 -4.87 11.18 9.47
CA GLY D 79 -3.49 10.92 9.03
C GLY D 79 -3.02 11.87 7.96
N GLU D 80 -3.82 12.04 6.88
CA GLU D 80 -3.47 12.98 5.77
C GLU D 80 -3.37 14.39 6.35
N ALA D 81 -4.34 14.81 7.18
CA ALA D 81 -4.37 16.20 7.70
C ALA D 81 -3.09 16.42 8.51
N SER D 82 -2.67 15.39 9.25
CA SER D 82 -1.42 15.40 10.05
C SER D 82 -0.23 15.72 9.14
N ARG D 83 -0.01 14.88 8.15
CA ARG D 83 1.09 15.08 7.17
C ARG D 83 0.96 16.51 6.60
N LEU D 84 -0.24 16.92 6.17
CA LEU D 84 -0.44 18.23 5.49
C LEU D 84 0.04 19.37 6.38
N ALA D 85 -0.42 19.39 7.63
CA ALA D 85 0.04 20.40 8.60
C ALA D 85 1.58 20.36 8.67
N HIS D 86 2.17 19.18 8.78
CA HIS D 86 3.64 19.03 8.99
C HIS D 86 4.40 19.47 7.73
N TYR D 87 3.99 19.04 6.54
CA TYR D 87 4.65 19.47 5.29
C TYR D 87 4.70 21.00 5.26
N ASN D 88 3.75 21.68 5.91
CA ASN D 88 3.59 23.16 5.80
C ASN D 88 4.04 23.87 7.08
N LYS D 89 4.75 23.17 7.98
CA LYS D 89 5.23 23.67 9.29
C LYS D 89 4.07 24.30 10.07
N ARG D 90 2.97 23.55 10.25
CA ARG D 90 1.81 24.04 11.04
C ARG D 90 1.61 23.11 12.23
N SER D 91 1.40 23.71 13.40
CA SER D 91 1.12 23.03 14.68
C SER D 91 -0.36 22.68 14.78
N THR D 92 -1.23 23.26 13.95
CA THR D 92 -2.72 23.16 14.02
C THR D 92 -3.34 22.45 12.79
N ILE D 93 -4.23 21.50 13.02
CA ILE D 93 -5.17 20.90 12.02
C ILE D 93 -6.46 21.73 12.02
N THR D 94 -6.68 22.50 10.96
CA THR D 94 -7.91 23.30 10.72
C THR D 94 -8.84 22.50 9.79
N SER D 95 -10.06 22.99 9.60
CA SER D 95 -11.02 22.38 8.67
C SER D 95 -10.39 22.37 7.27
N ARG D 96 -9.41 23.22 7.04
CA ARG D 96 -8.75 23.35 5.73
C ARG D 96 -7.88 22.11 5.44
N GLU D 97 -7.14 21.62 6.45
CA GLU D 97 -6.42 20.32 6.42
C GLU D 97 -7.43 19.18 6.25
N ILE D 98 -8.59 19.24 6.87
CA ILE D 98 -9.61 18.16 6.70
C ILE D 98 -10.12 18.18 5.26
N GLN D 99 -10.45 19.34 4.70
CA GLN D 99 -10.93 19.47 3.30
C GLN D 99 -9.89 18.91 2.32
N THR D 100 -8.63 19.34 2.41
CA THR D 100 -7.57 18.86 1.50
C THR D 100 -7.39 17.34 1.68
N ALA D 101 -7.26 16.86 2.91
CA ALA D 101 -7.27 15.40 3.21
C ALA D 101 -8.42 14.74 2.44
N VAL D 102 -9.65 15.27 2.57
CA VAL D 102 -10.86 14.67 1.92
C VAL D 102 -10.65 14.69 0.40
N ARG D 103 -10.12 15.77 -0.17
CA ARG D 103 -9.92 15.81 -1.64
C ARG D 103 -8.86 14.77 -2.05
N LEU D 104 -7.82 14.55 -1.25
CA LEU D 104 -6.78 13.55 -1.57
C LEU D 104 -7.33 12.12 -1.43
N LEU D 105 -8.24 11.87 -0.48
CA LEU D 105 -8.63 10.50 -0.06
C LEU D 105 -9.92 10.02 -0.73
N LEU D 106 -10.86 10.89 -1.09
CA LEU D 106 -12.17 10.45 -1.65
C LEU D 106 -12.14 10.59 -3.17
N PRO D 107 -12.71 9.59 -3.89
CA PRO D 107 -12.94 9.72 -5.34
C PRO D 107 -13.99 10.77 -5.74
N GLY D 108 -13.66 11.61 -6.74
CA GLY D 108 -14.59 12.47 -7.51
C GLY D 108 -15.84 12.88 -6.76
N GLU D 109 -16.94 12.21 -7.03
CA GLU D 109 -18.30 12.62 -6.58
C GLU D 109 -18.41 12.52 -5.05
N LEU D 110 -17.92 11.43 -4.44
CA LEU D 110 -17.84 11.28 -2.95
C LEU D 110 -17.17 12.53 -2.34
N ALA D 111 -16.07 12.99 -2.94
CA ALA D 111 -15.32 14.19 -2.51
C ALA D 111 -16.16 15.46 -2.64
N LYS D 112 -16.81 15.67 -3.79
CA LYS D 112 -17.62 16.90 -4.05
C LYS D 112 -18.65 17.02 -2.94
N HIS D 113 -19.47 15.98 -2.77
CA HIS D 113 -20.54 15.83 -1.76
C HIS D 113 -19.98 15.94 -0.34
N ALA D 114 -18.80 15.36 -0.08
CA ALA D 114 -18.22 15.34 1.28
C ALA D 114 -17.76 16.76 1.65
N VAL D 115 -17.07 17.43 0.75
CA VAL D 115 -16.65 18.86 0.91
C VAL D 115 -17.91 19.73 1.18
N SER D 116 -18.96 19.56 0.37
CA SER D 116 -20.23 20.33 0.45
C SER D 116 -20.83 20.16 1.85
N GLU D 117 -20.98 18.92 2.31
CA GLU D 117 -21.58 18.61 3.63
C GLU D 117 -20.69 19.16 4.73
N GLY D 118 -19.38 19.14 4.51
CA GLY D 118 -18.39 19.59 5.51
C GLY D 118 -18.41 21.09 5.64
N THR D 119 -18.37 21.78 4.50
CA THR D 119 -18.42 23.27 4.41
C THR D 119 -19.75 23.75 4.98
N LYS D 120 -20.86 23.19 4.51
CA LYS D 120 -22.24 23.50 5.00
C LYS D 120 -22.30 23.39 6.54
N ALA D 121 -21.71 22.34 7.11
CA ALA D 121 -21.77 22.05 8.57
C ALA D 121 -20.88 23.02 9.36
N VAL D 122 -19.72 23.43 8.84
CA VAL D 122 -18.87 24.47 9.50
C VAL D 122 -19.64 25.80 9.53
N THR D 123 -19.99 26.33 8.35
CA THR D 123 -20.80 27.56 8.11
C THR D 123 -21.93 27.68 9.13
N LYS D 124 -22.86 26.72 9.10
CA LYS D 124 -24.06 26.65 9.96
C LYS D 124 -23.67 26.60 11.44
N TYR D 125 -22.44 26.18 11.77
CA TYR D 125 -21.92 26.08 13.16
C TYR D 125 -21.28 27.43 13.54
N THR D 126 -20.59 28.07 12.61
CA THR D 126 -19.93 29.39 12.80
C THR D 126 -21.01 30.45 13.08
N SER D 127 -22.22 30.29 12.54
CA SER D 127 -23.34 31.26 12.64
C SER D 127 -24.09 31.08 13.97
N ALA D 128 -24.34 29.83 14.38
CA ALA D 128 -25.08 29.46 15.61
C ALA D 128 -24.10 29.14 16.74
N PRO E 42 -28.56 -44.80 -15.77
CA PRO E 42 -29.82 -44.05 -15.99
C PRO E 42 -29.61 -42.69 -16.69
N HIS E 43 -29.03 -41.71 -15.98
CA HIS E 43 -28.76 -40.30 -16.44
C HIS E 43 -27.78 -39.61 -15.47
N ARG E 44 -26.90 -38.77 -16.00
CA ARG E 44 -25.84 -38.06 -15.24
C ARG E 44 -25.55 -36.70 -15.90
N TYR E 45 -25.30 -35.67 -15.07
CA TYR E 45 -24.99 -34.28 -15.49
C TYR E 45 -23.62 -34.29 -16.18
N ARG E 46 -23.50 -33.54 -17.29
CA ARG E 46 -22.26 -33.50 -18.10
C ARG E 46 -21.19 -32.75 -17.33
N PRO E 47 -19.88 -33.02 -17.56
CA PRO E 47 -18.81 -32.36 -16.81
C PRO E 47 -18.88 -30.84 -16.96
N GLY E 48 -18.89 -30.12 -15.83
CA GLY E 48 -18.90 -28.65 -15.81
C GLY E 48 -20.26 -28.12 -15.46
N THR E 49 -21.32 -28.91 -15.67
CA THR E 49 -22.71 -28.47 -15.38
C THR E 49 -22.87 -28.32 -13.87
N VAL E 50 -22.32 -29.24 -13.09
CA VAL E 50 -22.43 -29.16 -11.61
C VAL E 50 -21.53 -28.01 -11.13
N ALA E 51 -20.35 -27.87 -11.73
CA ALA E 51 -19.33 -26.87 -11.32
C ALA E 51 -19.95 -25.47 -11.42
N LEU E 52 -20.61 -25.15 -12.53
CA LEU E 52 -21.38 -23.88 -12.71
C LEU E 52 -22.33 -23.68 -11.51
N ARG E 53 -23.15 -24.69 -11.22
CA ARG E 53 -24.18 -24.67 -10.16
C ARG E 53 -23.50 -24.34 -8.83
N GLU E 54 -22.36 -24.97 -8.57
CA GLU E 54 -21.54 -24.75 -7.35
C GLU E 54 -21.06 -23.28 -7.31
N ILE E 55 -20.66 -22.73 -8.45
CA ILE E 55 -20.22 -21.31 -8.51
C ILE E 55 -21.42 -20.47 -8.06
N ARG E 56 -22.57 -20.62 -8.74
CA ARG E 56 -23.82 -19.87 -8.43
C ARG E 56 -24.13 -20.00 -6.94
N ARG E 57 -24.05 -21.22 -6.39
CA ARG E 57 -24.34 -21.46 -4.95
C ARG E 57 -23.37 -20.72 -4.03
N TYR E 58 -22.06 -20.89 -4.22
CA TYR E 58 -21.03 -20.30 -3.31
C TYR E 58 -20.88 -18.78 -3.54
N GLN E 59 -21.14 -18.25 -4.74
CA GLN E 59 -21.11 -16.78 -4.99
C GLN E 59 -22.37 -16.09 -4.45
N LYS E 60 -23.44 -16.84 -4.18
CA LYS E 60 -24.70 -16.29 -3.59
C LYS E 60 -24.55 -16.17 -2.07
N SER E 61 -23.69 -16.99 -1.48
CA SER E 61 -23.61 -17.21 -0.02
C SER E 61 -22.32 -16.58 0.52
N THR E 62 -22.29 -16.37 1.84
CA THR E 62 -21.21 -15.69 2.57
C THR E 62 -20.53 -16.64 3.56
N GLU E 63 -21.11 -17.82 3.78
CA GLU E 63 -20.64 -18.82 4.77
C GLU E 63 -19.15 -19.14 4.50
N LEU E 64 -18.37 -19.29 5.56
CA LEU E 64 -17.01 -19.86 5.58
C LEU E 64 -17.04 -21.28 5.03
N LEU E 65 -16.08 -21.63 4.16
CA LEU E 65 -16.02 -22.84 3.32
C LEU E 65 -14.88 -23.78 3.74
N ILE E 66 -14.07 -23.44 4.73
CA ILE E 66 -13.09 -24.38 5.37
C ILE E 66 -13.70 -24.84 6.70
N ARG E 67 -13.67 -26.15 6.96
CA ARG E 67 -14.14 -26.73 8.25
C ARG E 67 -13.32 -26.06 9.35
N LYS E 68 -13.98 -25.51 10.38
CA LYS E 68 -13.41 -24.55 11.37
C LYS E 68 -12.34 -25.19 12.25
N LEU E 69 -12.43 -26.50 12.47
CA LEU E 69 -11.59 -27.19 13.48
C LEU E 69 -10.26 -27.56 12.87
N PRO E 70 -10.18 -28.09 11.62
CA PRO E 70 -8.89 -28.25 10.95
C PRO E 70 -8.19 -26.89 10.77
N PHE E 71 -8.95 -25.80 10.50
CA PHE E 71 -8.39 -24.44 10.37
C PHE E 71 -7.80 -24.03 11.72
N GLN E 72 -8.52 -24.34 12.78
CA GLN E 72 -8.08 -23.93 14.13
C GLN E 72 -6.78 -24.65 14.48
N ARG E 73 -6.61 -25.90 14.05
CA ARG E 73 -5.42 -26.71 14.40
C ARG E 73 -4.21 -26.13 13.65
N LEU E 74 -4.39 -25.76 12.38
CA LEU E 74 -3.33 -25.14 11.53
C LEU E 74 -2.86 -23.83 12.17
N VAL E 75 -3.80 -22.98 12.56
CA VAL E 75 -3.50 -21.66 13.19
C VAL E 75 -2.60 -21.94 14.41
N ARG E 76 -3.06 -22.79 15.34
CA ARG E 76 -2.27 -23.20 16.53
C ARG E 76 -0.93 -23.77 16.12
N GLU E 77 -0.89 -24.69 15.14
CA GLU E 77 0.39 -25.34 14.74
C GLU E 77 1.37 -24.23 14.31
N ILE E 78 0.90 -23.29 13.50
CA ILE E 78 1.76 -22.22 12.90
C ILE E 78 2.21 -21.31 14.04
N ALA E 79 1.29 -20.89 14.89
CA ALA E 79 1.58 -20.01 16.03
C ALA E 79 2.72 -20.58 16.88
N GLN E 80 2.71 -21.89 17.14
CA GLN E 80 3.66 -22.57 18.07
C GLN E 80 5.10 -22.28 17.64
N ASP E 81 5.38 -22.21 16.33
CA ASP E 81 6.76 -21.95 15.80
C ASP E 81 7.26 -20.56 16.24
N PHE E 82 6.38 -19.60 16.54
CA PHE E 82 6.75 -18.22 16.95
C PHE E 82 6.63 -18.06 18.46
N LYS E 83 5.78 -18.85 19.12
CA LYS E 83 5.62 -18.73 20.60
C LYS E 83 4.73 -19.84 21.15
N THR E 84 5.29 -20.68 22.02
CA THR E 84 4.66 -21.87 22.65
C THR E 84 3.70 -21.44 23.76
N ASP E 85 2.73 -22.30 24.06
CA ASP E 85 1.73 -22.07 25.13
C ASP E 85 1.10 -20.69 24.91
N LEU E 86 0.46 -20.53 23.75
CA LEU E 86 -0.35 -19.34 23.38
C LEU E 86 -1.81 -19.74 23.46
N ARG E 87 -2.69 -18.85 23.92
CA ARG E 87 -4.15 -18.99 23.78
C ARG E 87 -4.65 -18.05 22.66
N PHE E 88 -5.86 -18.29 22.16
CA PHE E 88 -6.54 -17.46 21.14
C PHE E 88 -7.95 -17.16 21.60
N GLN E 89 -8.36 -15.88 21.59
CA GLN E 89 -9.81 -15.57 21.57
C GLN E 89 -10.42 -16.37 20.41
N SER E 90 -11.65 -16.85 20.54
CA SER E 90 -12.26 -17.67 19.45
C SER E 90 -12.53 -16.74 18.26
N SER E 91 -12.79 -15.46 18.54
CA SER E 91 -13.06 -14.41 17.54
C SER E 91 -11.75 -14.07 16.82
N ALA E 92 -10.60 -14.33 17.43
CA ALA E 92 -9.24 -14.16 16.87
C ALA E 92 -9.05 -15.15 15.74
N VAL E 93 -9.42 -16.40 15.98
CA VAL E 93 -9.34 -17.49 14.96
C VAL E 93 -10.35 -17.16 13.87
N MET E 94 -11.51 -16.61 14.23
CA MET E 94 -12.56 -16.31 13.22
C MET E 94 -12.07 -15.17 12.32
N ALA E 95 -11.39 -14.15 12.88
CA ALA E 95 -10.82 -13.02 12.11
C ALA E 95 -9.85 -13.60 11.07
N LEU E 96 -8.95 -14.50 11.51
CA LEU E 96 -7.95 -15.17 10.67
C LEU E 96 -8.65 -15.97 9.58
N GLN E 97 -9.76 -16.63 9.88
CA GLN E 97 -10.47 -17.49 8.88
C GLN E 97 -11.12 -16.57 7.84
N GLU E 98 -11.81 -15.51 8.28
CA GLU E 98 -12.41 -14.52 7.37
C GLU E 98 -11.33 -13.97 6.43
N ALA E 99 -10.19 -13.53 6.97
CA ALA E 99 -9.08 -12.92 6.18
C ALA E 99 -8.47 -13.92 5.20
N CYS E 100 -8.24 -15.18 5.58
CA CYS E 100 -7.61 -16.23 4.71
C CYS E 100 -8.52 -16.62 3.56
N GLU E 101 -9.81 -16.83 3.82
CA GLU E 101 -10.77 -17.28 2.77
C GLU E 101 -11.03 -16.16 1.77
N ALA E 102 -11.17 -14.92 2.23
CA ALA E 102 -11.36 -13.75 1.34
C ALA E 102 -10.13 -13.56 0.43
N TYR E 103 -8.93 -13.71 0.97
CA TYR E 103 -7.65 -13.66 0.22
C TYR E 103 -7.64 -14.76 -0.86
N LEU E 104 -7.89 -16.00 -0.45
CA LEU E 104 -7.82 -17.16 -1.37
C LEU E 104 -8.88 -17.01 -2.47
N VAL E 105 -10.10 -16.60 -2.14
CA VAL E 105 -11.19 -16.34 -3.13
C VAL E 105 -10.67 -15.33 -4.15
N GLY E 106 -10.22 -14.16 -3.69
CA GLY E 106 -9.59 -13.15 -4.56
C GLY E 106 -8.44 -13.72 -5.40
N LEU E 107 -7.52 -14.48 -4.78
CA LEU E 107 -6.41 -15.12 -5.53
C LEU E 107 -7.00 -16.03 -6.62
N PHE E 108 -8.02 -16.83 -6.29
CA PHE E 108 -8.67 -17.73 -7.27
C PHE E 108 -9.28 -16.94 -8.44
N GLU E 109 -9.83 -15.73 -8.21
CA GLU E 109 -10.37 -14.85 -9.28
C GLU E 109 -9.21 -14.47 -10.19
N ASP E 110 -8.07 -14.09 -9.62
CA ASP E 110 -6.92 -13.62 -10.45
C ASP E 110 -6.32 -14.80 -11.20
N THR E 111 -6.20 -15.93 -10.51
CA THR E 111 -5.72 -17.21 -11.11
C THR E 111 -6.60 -17.52 -12.32
N ASN E 112 -7.91 -17.40 -12.16
CA ASN E 112 -8.91 -17.80 -13.18
C ASN E 112 -8.66 -16.96 -14.43
N LEU E 113 -8.45 -15.65 -14.25
CA LEU E 113 -8.16 -14.71 -15.35
C LEU E 113 -6.84 -15.07 -16.03
N CYS E 114 -5.82 -15.50 -15.29
CA CYS E 114 -4.54 -15.99 -15.88
C CYS E 114 -4.78 -17.26 -16.71
N ALA E 115 -5.57 -18.21 -16.21
CA ALA E 115 -5.98 -19.44 -16.96
C ALA E 115 -6.70 -19.05 -18.26
N ILE E 116 -7.68 -18.16 -18.19
CA ILE E 116 -8.48 -17.78 -19.40
C ILE E 116 -7.53 -17.06 -20.37
N HIS E 117 -6.61 -16.24 -19.87
CA HIS E 117 -5.62 -15.52 -20.70
C HIS E 117 -4.85 -16.51 -21.59
N ALA E 118 -4.55 -17.70 -21.07
CA ALA E 118 -3.76 -18.74 -21.78
C ALA E 118 -4.68 -19.60 -22.67
N LYS E 119 -5.97 -19.23 -22.79
CA LYS E 119 -7.01 -19.89 -23.61
C LYS E 119 -7.35 -21.24 -22.96
N ARG E 120 -7.34 -21.29 -21.63
CA ARG E 120 -7.73 -22.46 -20.83
C ARG E 120 -8.92 -22.09 -19.94
N VAL E 121 -9.58 -23.12 -19.46
CA VAL E 121 -10.76 -23.07 -18.57
C VAL E 121 -10.38 -23.74 -17.26
N THR E 122 -9.18 -24.32 -17.22
CA THR E 122 -8.63 -25.10 -16.09
C THR E 122 -7.49 -24.32 -15.42
N ILE E 123 -7.60 -24.07 -14.12
CA ILE E 123 -6.57 -23.29 -13.38
C ILE E 123 -5.44 -24.26 -13.03
N MET E 124 -4.20 -23.79 -13.17
CA MET E 124 -2.97 -24.59 -12.89
C MET E 124 -2.05 -23.78 -11.96
N PRO E 125 -1.08 -24.44 -11.31
CA PRO E 125 -0.12 -23.74 -10.45
C PRO E 125 0.56 -22.57 -11.15
N LYS E 126 0.91 -22.71 -12.42
CA LYS E 126 1.58 -21.61 -13.16
C LYS E 126 0.65 -20.39 -13.19
N ASP E 127 -0.66 -20.57 -13.10
CA ASP E 127 -1.66 -19.46 -13.04
C ASP E 127 -1.58 -18.75 -11.68
N ILE E 128 -1.51 -19.49 -10.59
CA ILE E 128 -1.42 -18.92 -9.21
C ILE E 128 -0.12 -18.13 -9.14
N GLN E 129 0.95 -18.71 -9.67
CA GLN E 129 2.32 -18.15 -9.55
C GLN E 129 2.35 -16.80 -10.30
N LEU E 130 1.75 -16.70 -11.48
CA LEU E 130 1.77 -15.45 -12.28
C LEU E 130 0.95 -14.39 -11.55
N ALA E 131 -0.19 -14.76 -10.96
CA ALA E 131 -1.07 -13.81 -10.27
C ALA E 131 -0.30 -13.23 -9.09
N ARG E 132 0.39 -14.09 -8.35
CA ARG E 132 1.21 -13.72 -7.17
C ARG E 132 2.45 -12.91 -7.56
N ARG E 133 3.10 -13.23 -8.68
CA ARG E 133 4.25 -12.42 -9.18
C ARG E 133 3.76 -10.99 -9.49
N ILE E 134 2.69 -10.87 -10.27
CA ILE E 134 2.15 -9.54 -10.68
C ILE E 134 1.55 -8.81 -9.48
N ARG E 135 0.97 -9.52 -8.50
CA ARG E 135 0.41 -8.90 -7.27
C ARG E 135 1.56 -8.35 -6.45
N GLY E 136 2.79 -8.77 -6.78
CA GLY E 136 4.00 -8.38 -6.03
C GLY E 136 4.12 -9.12 -4.71
N GLU E 137 3.68 -10.35 -4.65
CA GLU E 137 3.77 -11.23 -3.45
C GLU E 137 5.02 -12.12 -3.58
N ARG E 138 5.33 -12.51 -4.81
CA ARG E 138 6.35 -13.55 -5.14
C ARG E 138 6.10 -14.82 -4.32
N LEU F 26 0.21 -31.48 16.75
CA LEU F 26 0.43 -30.39 15.73
C LEU F 26 1.22 -30.97 14.55
N ARG F 27 0.82 -32.15 14.05
CA ARG F 27 1.52 -32.87 12.95
C ARG F 27 0.71 -32.75 11.66
N ASP F 28 1.20 -31.96 10.70
CA ASP F 28 0.76 -32.01 9.28
C ASP F 28 -0.69 -31.51 9.16
N ASN F 29 -1.03 -30.45 9.87
CA ASN F 29 -2.43 -29.93 9.96
C ASN F 29 -2.81 -29.19 8.67
N ILE F 30 -1.83 -28.88 7.82
CA ILE F 30 -2.03 -28.28 6.48
C ILE F 30 -2.97 -29.16 5.63
N GLN F 31 -2.97 -30.49 5.81
CA GLN F 31 -3.80 -31.42 4.99
C GLN F 31 -5.23 -31.44 5.52
N GLY F 32 -5.47 -30.90 6.72
CA GLY F 32 -6.83 -30.55 7.17
C GLY F 32 -7.54 -29.58 6.23
N ILE F 33 -6.79 -28.80 5.45
CA ILE F 33 -7.38 -28.01 4.32
C ILE F 33 -7.54 -29.01 3.17
N THR F 34 -8.79 -29.46 3.00
CA THR F 34 -9.17 -30.62 2.18
C THR F 34 -9.35 -30.17 0.74
N LYS F 35 -9.07 -31.09 -0.19
CA LYS F 35 -9.40 -30.91 -1.62
C LYS F 35 -10.76 -30.22 -1.73
N PRO F 36 -11.89 -30.81 -1.26
CA PRO F 36 -13.20 -30.16 -1.42
C PRO F 36 -13.35 -28.74 -0.86
N ALA F 37 -12.72 -28.39 0.28
CA ALA F 37 -12.74 -27.04 0.88
C ALA F 37 -12.11 -26.01 -0.07
N ILE F 38 -10.94 -26.34 -0.59
CA ILE F 38 -10.23 -25.57 -1.65
C ILE F 38 -11.13 -25.41 -2.88
N ARG F 39 -11.83 -26.48 -3.24
CA ARG F 39 -12.69 -26.46 -4.46
C ARG F 39 -13.84 -25.48 -4.19
N ARG F 40 -14.30 -25.38 -2.94
CA ARG F 40 -15.41 -24.45 -2.62
C ARG F 40 -14.90 -23.01 -2.79
N LEU F 41 -13.73 -22.71 -2.26
CA LEU F 41 -13.07 -21.38 -2.33
C LEU F 41 -12.88 -21.00 -3.80
N ALA F 42 -12.38 -21.92 -4.61
CA ALA F 42 -12.28 -21.75 -6.07
C ALA F 42 -13.65 -21.39 -6.65
N ARG F 43 -14.68 -22.14 -6.26
CA ARG F 43 -16.05 -21.93 -6.82
C ARG F 43 -16.46 -20.48 -6.50
N ARG F 44 -16.26 -20.03 -5.27
CA ARG F 44 -16.68 -18.66 -4.89
C ARG F 44 -15.83 -17.64 -5.67
N GLY F 45 -14.63 -18.04 -6.07
CA GLY F 45 -13.77 -17.24 -6.96
C GLY F 45 -14.04 -17.47 -8.43
N GLY F 46 -15.11 -18.19 -8.81
CA GLY F 46 -15.62 -18.25 -10.21
C GLY F 46 -14.94 -19.30 -11.10
N VAL F 47 -14.21 -20.24 -10.51
CA VAL F 47 -13.35 -21.26 -11.18
C VAL F 47 -14.19 -22.49 -11.50
N LYS F 48 -14.14 -22.96 -12.75
CA LYS F 48 -15.00 -24.04 -13.28
C LYS F 48 -14.27 -25.37 -13.28
N ARG F 49 -12.98 -25.35 -13.59
CA ARG F 49 -12.12 -26.54 -13.72
C ARG F 49 -10.78 -26.27 -13.00
N ILE F 50 -10.29 -27.28 -12.27
CA ILE F 50 -9.13 -27.25 -11.33
C ILE F 50 -8.18 -28.41 -11.62
N SER F 51 -6.92 -28.10 -11.92
CA SER F 51 -5.83 -29.10 -12.07
C SER F 51 -5.63 -29.76 -10.71
N GLY F 52 -5.18 -31.01 -10.75
CA GLY F 52 -4.90 -31.83 -9.55
C GLY F 52 -3.79 -31.26 -8.71
N LEU F 53 -2.88 -30.47 -9.31
CA LEU F 53 -1.73 -29.91 -8.53
C LEU F 53 -2.15 -28.63 -7.73
N ILE F 54 -3.31 -28.04 -8.02
CA ILE F 54 -3.76 -26.80 -7.33
C ILE F 54 -3.83 -27.02 -5.81
N TYR F 55 -4.29 -28.18 -5.34
CA TYR F 55 -4.58 -28.42 -3.91
C TYR F 55 -3.29 -28.19 -3.09
N GLU F 56 -2.18 -28.78 -3.52
CA GLU F 56 -0.87 -28.59 -2.82
C GLU F 56 -0.39 -27.17 -3.03
N GLU F 57 -0.62 -26.58 -4.20
CA GLU F 57 -0.18 -25.18 -4.47
C GLU F 57 -0.96 -24.25 -3.51
N THR F 58 -2.26 -24.46 -3.39
CA THR F 58 -3.15 -23.65 -2.55
C THR F 58 -2.71 -23.78 -1.09
N ARG F 59 -2.42 -25.00 -0.65
CA ARG F 59 -1.95 -25.23 0.74
C ARG F 59 -0.66 -24.42 0.97
N GLY F 60 0.28 -24.45 0.03
CA GLY F 60 1.53 -23.69 0.23
C GLY F 60 1.25 -22.20 0.45
N VAL F 61 0.43 -21.63 -0.44
CA VAL F 61 0.08 -20.18 -0.45
C VAL F 61 -0.61 -19.85 0.88
N LEU F 62 -1.49 -20.74 1.36
CA LEU F 62 -2.27 -20.49 2.60
C LEU F 62 -1.30 -20.45 3.77
N LYS F 63 -0.37 -21.39 3.84
CA LYS F 63 0.59 -21.49 4.98
C LYS F 63 1.39 -20.18 5.04
N VAL F 64 1.83 -19.73 3.88
CA VAL F 64 2.67 -18.49 3.76
C VAL F 64 1.85 -17.29 4.24
N PHE F 65 0.58 -17.19 3.81
CA PHE F 65 -0.34 -16.10 4.21
C PHE F 65 -0.49 -16.11 5.73
N LEU F 66 -0.89 -17.26 6.28
CA LEU F 66 -1.14 -17.47 7.74
C LEU F 66 0.14 -17.25 8.53
N GLU F 67 1.27 -17.80 8.10
CA GLU F 67 2.57 -17.55 8.78
C GLU F 67 2.78 -16.04 8.91
N ASN F 68 2.60 -15.29 7.81
CA ASN F 68 2.91 -13.83 7.78
C ASN F 68 1.98 -13.10 8.73
N VAL F 69 0.67 -13.39 8.70
CA VAL F 69 -0.32 -12.68 9.55
C VAL F 69 -0.10 -13.08 11.02
N ILE F 70 0.13 -14.37 11.30
CA ILE F 70 0.25 -14.87 12.70
C ILE F 70 1.56 -14.35 13.33
N ARG F 71 2.66 -14.38 12.60
CA ARG F 71 3.93 -13.77 13.08
C ARG F 71 3.65 -12.36 13.62
N ASP F 72 2.93 -11.54 12.84
CA ASP F 72 2.69 -10.13 13.23
C ASP F 72 1.73 -10.12 14.42
N ALA F 73 0.66 -10.90 14.38
CA ALA F 73 -0.34 -10.95 15.47
C ALA F 73 0.38 -11.35 16.78
N VAL F 74 1.16 -12.43 16.76
CA VAL F 74 1.87 -12.93 17.96
C VAL F 74 2.78 -11.81 18.47
N THR F 75 3.39 -11.07 17.55
CA THR F 75 4.31 -9.95 17.89
C THR F 75 3.55 -8.88 18.67
N TYR F 76 2.26 -8.61 18.34
CA TYR F 76 1.45 -7.60 19.06
C TYR F 76 1.09 -8.14 20.46
N THR F 77 0.76 -9.43 20.55
CA THR F 77 0.52 -10.19 21.80
C THR F 77 1.71 -10.01 22.76
N GLU F 78 2.93 -10.32 22.30
CA GLU F 78 4.16 -10.29 23.13
C GLU F 78 4.38 -8.85 23.58
N HIS F 79 4.17 -7.87 22.70
CA HIS F 79 4.40 -6.46 23.06
C HIS F 79 3.41 -6.06 24.15
N ALA F 80 2.20 -6.61 24.14
CA ALA F 80 1.17 -6.33 25.17
C ALA F 80 1.41 -7.22 26.40
N LYS F 81 2.45 -8.03 26.41
CA LYS F 81 2.82 -8.91 27.55
C LYS F 81 1.65 -9.83 27.87
N ARG F 82 0.85 -10.19 26.89
CA ARG F 82 -0.25 -11.17 27.04
C ARG F 82 0.26 -12.53 26.58
N LYS F 83 -0.55 -13.58 26.80
CA LYS F 83 -0.31 -14.98 26.37
C LYS F 83 -1.52 -15.44 25.55
N THR F 84 -2.40 -14.51 25.24
CA THR F 84 -3.70 -14.74 24.56
C THR F 84 -3.77 -13.79 23.35
N VAL F 85 -3.79 -14.37 22.14
CA VAL F 85 -3.93 -13.65 20.85
C VAL F 85 -5.37 -13.11 20.73
N THR F 86 -5.54 -11.78 20.71
CA THR F 86 -6.86 -11.13 20.52
C THR F 86 -7.19 -10.98 19.02
N ALA F 87 -8.47 -10.88 18.69
CA ALA F 87 -9.01 -10.39 17.40
C ALA F 87 -8.23 -9.15 16.99
N MET F 88 -8.13 -8.22 17.93
CA MET F 88 -7.46 -6.92 17.70
C MET F 88 -6.01 -7.17 17.29
N ASP F 89 -5.32 -8.13 17.92
CA ASP F 89 -3.95 -8.50 17.48
C ASP F 89 -4.04 -8.87 15.99
N VAL F 90 -5.03 -9.67 15.62
CA VAL F 90 -5.12 -10.16 14.21
C VAL F 90 -5.49 -8.98 13.30
N VAL F 91 -6.29 -8.05 13.78
CA VAL F 91 -6.81 -6.94 12.94
C VAL F 91 -5.65 -5.97 12.66
N TYR F 92 -4.80 -5.74 13.65
CA TYR F 92 -3.62 -4.87 13.49
C TYR F 92 -2.64 -5.56 12.54
N ALA F 93 -2.48 -6.88 12.68
CA ALA F 93 -1.65 -7.70 11.80
C ALA F 93 -2.17 -7.57 10.36
N LEU F 94 -3.46 -7.79 10.12
CA LEU F 94 -4.00 -7.74 8.75
C LEU F 94 -3.81 -6.33 8.20
N LYS F 95 -3.96 -5.29 9.03
CA LYS F 95 -3.85 -3.86 8.58
C LYS F 95 -2.42 -3.62 8.08
N ARG F 96 -1.41 -3.98 8.85
CA ARG F 96 0.02 -3.90 8.46
C ARG F 96 0.27 -4.59 7.12
N GLN F 97 -0.40 -5.71 6.82
CA GLN F 97 -0.16 -6.50 5.58
C GLN F 97 -0.97 -5.96 4.40
N GLY F 98 -1.66 -4.81 4.51
CA GLY F 98 -2.55 -4.31 3.44
C GLY F 98 -3.70 -5.28 3.21
N ARG F 99 -4.22 -5.89 4.27
CA ARG F 99 -5.36 -6.83 4.21
C ARG F 99 -6.41 -6.39 5.22
N THR F 100 -6.64 -5.08 5.38
CA THR F 100 -7.61 -4.50 6.35
C THR F 100 -8.90 -5.33 6.38
N LEU F 101 -9.32 -5.76 7.58
CA LEU F 101 -10.54 -6.56 7.87
C LEU F 101 -11.53 -5.72 8.69
N TYR F 102 -12.76 -5.60 8.23
CA TYR F 102 -13.89 -4.99 8.98
C TYR F 102 -14.70 -6.09 9.67
N GLY F 103 -15.17 -5.79 10.88
CA GLY F 103 -16.18 -6.58 11.63
C GLY F 103 -15.63 -7.24 12.88
N PHE F 104 -14.40 -6.93 13.31
CA PHE F 104 -13.75 -7.65 14.42
C PHE F 104 -13.15 -6.64 15.38
N GLY F 105 -13.60 -5.39 15.30
CA GLY F 105 -13.11 -4.24 16.10
C GLY F 105 -12.15 -3.35 15.33
N GLY F 106 -11.62 -2.33 16.03
CA GLY F 106 -10.55 -1.44 15.55
C GLY F 106 -11.09 -0.30 14.73
N LYS G 13 32.76 24.06 40.79
CA LYS G 13 31.83 22.91 40.52
C LYS G 13 31.67 22.71 39.01
N ALA G 14 32.77 22.88 38.24
CA ALA G 14 32.83 22.85 36.76
C ALA G 14 32.08 21.62 36.22
N ARG G 15 31.14 21.84 35.29
CA ARG G 15 30.08 20.89 34.87
C ARG G 15 30.49 20.08 33.63
N ALA G 16 30.94 20.76 32.57
CA ALA G 16 30.92 20.25 31.18
C ALA G 16 32.35 20.07 30.64
N LYS G 17 32.63 18.86 30.15
CA LYS G 17 33.31 18.63 28.85
C LYS G 17 32.24 17.98 27.97
N ALA G 18 31.59 18.76 27.08
CA ALA G 18 30.46 18.32 26.24
C ALA G 18 30.69 16.85 25.82
N LYS G 19 29.72 15.97 26.09
CA LYS G 19 29.77 14.54 25.68
C LYS G 19 28.47 14.16 24.95
N SER G 20 28.55 14.02 23.62
CA SER G 20 27.43 13.65 22.72
C SER G 20 26.73 12.40 23.24
N ARG G 21 25.41 12.35 23.16
CA ARG G 21 24.67 11.08 23.41
C ARG G 21 25.10 10.00 22.40
N SER G 22 25.47 10.40 21.18
CA SER G 22 26.02 9.48 20.16
C SER G 22 27.23 8.74 20.73
N SER G 23 28.21 9.47 21.31
CA SER G 23 29.49 8.90 21.84
C SER G 23 29.15 7.99 23.02
N ARG G 24 28.34 8.47 23.97
CA ARG G 24 27.77 7.60 25.05
C ARG G 24 27.20 6.28 24.50
N ALA G 25 26.55 6.29 23.33
CA ALA G 25 25.88 5.09 22.72
C ALA G 25 26.83 4.34 21.77
N GLY G 26 27.94 4.97 21.37
CA GLY G 26 28.92 4.35 20.46
C GLY G 26 28.42 4.37 19.02
N LEU G 27 27.79 5.48 18.62
CA LEU G 27 27.06 5.65 17.33
C LEU G 27 27.64 6.84 16.59
N GLN G 28 27.58 6.79 15.26
CA GLN G 28 27.91 7.91 14.34
C GLN G 28 26.65 8.74 14.10
N PHE G 29 25.47 8.11 14.11
CA PHE G 29 24.17 8.77 13.84
C PHE G 29 23.78 9.58 15.08
N PRO G 30 23.11 10.74 14.90
CA PRO G 30 22.92 11.73 15.96
C PRO G 30 21.72 11.48 16.88
N VAL G 31 21.99 10.98 18.08
CA VAL G 31 20.95 10.65 19.09
C VAL G 31 20.15 11.92 19.40
N GLY G 32 20.84 13.05 19.51
CA GLY G 32 20.23 14.35 19.80
C GLY G 32 19.15 14.68 18.80
N ARG G 33 19.55 14.86 17.54
CA ARG G 33 18.67 15.02 16.35
C ARG G 33 17.48 14.06 16.40
N VAL G 34 17.72 12.78 16.67
CA VAL G 34 16.69 11.74 16.46
C VAL G 34 15.64 11.91 17.54
N HIS G 35 16.07 12.18 18.78
CA HIS G 35 15.17 12.50 19.92
C HIS G 35 14.28 13.69 19.53
N ARG G 36 14.88 14.76 19.00
CA ARG G 36 14.16 16.02 18.71
C ARG G 36 13.11 15.73 17.63
N LEU G 37 13.50 15.08 16.52
CA LEU G 37 12.57 14.63 15.45
C LEU G 37 11.47 13.75 16.06
N LEU G 38 11.76 12.92 17.08
CA LEU G 38 10.67 12.11 17.70
C LEU G 38 9.75 12.97 18.58
N ARG G 39 10.25 14.02 19.21
CA ARG G 39 9.39 14.89 20.06
C ARG G 39 8.56 15.82 19.16
N LYS G 40 9.06 16.22 17.99
CA LYS G 40 8.36 17.17 17.07
C LYS G 40 7.40 16.44 16.12
N GLY G 41 7.40 15.10 16.13
CA GLY G 41 6.72 14.31 15.08
C GLY G 41 5.27 13.99 15.40
N HIS G 42 4.75 14.46 16.54
CA HIS G 42 3.41 14.05 17.05
C HIS G 42 3.29 12.52 16.89
N TYR G 43 4.10 11.76 17.67
CA TYR G 43 4.12 10.27 17.64
C TYR G 43 3.55 9.76 18.97
N ALA G 44 3.92 10.42 20.07
CA ALA G 44 3.28 10.25 21.38
C ALA G 44 3.57 11.47 22.25
N GLU G 45 2.84 11.64 23.35
CA GLU G 45 3.00 12.77 24.30
C GLU G 45 4.43 12.76 24.86
N ARG G 46 5.04 11.58 25.02
CA ARG G 46 6.39 11.47 25.63
C ARG G 46 7.27 10.48 24.84
N VAL G 47 8.56 10.76 24.82
CA VAL G 47 9.61 9.90 24.22
C VAL G 47 10.67 9.60 25.28
N GLY G 48 10.82 8.32 25.63
CA GLY G 48 11.84 7.81 26.56
C GLY G 48 13.25 8.03 26.03
N ALA G 49 14.24 7.98 26.94
CA ALA G 49 15.67 8.26 26.69
C ALA G 49 16.29 7.22 25.75
N GLY G 50 15.85 5.96 25.83
CA GLY G 50 16.39 4.85 25.04
C GLY G 50 15.91 4.86 23.59
N ALA G 51 14.70 5.36 23.35
CA ALA G 51 14.02 5.31 22.03
C ALA G 51 14.95 5.88 20.98
N PRO G 52 15.45 7.12 21.14
CA PRO G 52 16.27 7.75 20.11
C PRO G 52 17.60 7.02 19.90
N VAL G 53 18.14 6.38 20.96
CA VAL G 53 19.43 5.63 20.89
C VAL G 53 19.21 4.39 20.01
N TYR G 54 18.18 3.60 20.32
CA TYR G 54 17.83 2.36 19.58
C TYR G 54 17.55 2.70 18.11
N LEU G 55 16.72 3.72 17.90
CA LEU G 55 16.31 4.11 16.53
C LEU G 55 17.55 4.57 15.77
N ALA G 56 18.40 5.43 16.37
CA ALA G 56 19.61 5.97 15.68
C ALA G 56 20.53 4.81 15.33
N ALA G 57 20.59 3.80 16.20
CA ALA G 57 21.42 2.59 16.01
C ALA G 57 20.88 1.74 14.85
N VAL G 58 19.55 1.67 14.71
CA VAL G 58 18.96 0.83 13.63
C VAL G 58 19.19 1.55 12.29
N LEU G 59 19.07 2.88 12.26
CA LEU G 59 19.30 3.69 11.02
C LEU G 59 20.78 3.58 10.62
N GLU G 60 21.69 3.60 11.60
CA GLU G 60 23.14 3.40 11.35
C GLU G 60 23.34 1.98 10.79
N TYR G 61 22.83 0.96 11.46
CA TYR G 61 23.06 -0.43 10.98
C TYR G 61 22.61 -0.54 9.51
N LEU G 62 21.42 -0.03 9.12
CA LEU G 62 20.87 -0.25 7.76
C LEU G 62 21.70 0.55 6.76
N THR G 63 22.12 1.75 7.16
CA THR G 63 23.02 2.58 6.33
C THR G 63 24.30 1.81 6.04
N ALA G 64 24.88 1.15 7.05
CA ALA G 64 26.20 0.48 6.92
C ALA G 64 26.01 -0.63 5.88
N GLU G 65 24.91 -1.35 6.04
CA GLU G 65 24.53 -2.50 5.20
C GLU G 65 24.39 -2.04 3.75
N ILE G 66 23.68 -0.95 3.46
CA ILE G 66 23.48 -0.51 2.04
C ILE G 66 24.85 -0.07 1.54
N LEU G 67 25.56 0.75 2.31
CA LEU G 67 26.86 1.32 1.83
C LEU G 67 27.89 0.22 1.60
N GLU G 68 27.89 -0.83 2.41
CA GLU G 68 28.80 -2.00 2.22
C GLU G 68 28.56 -2.54 0.82
N LEU G 69 27.30 -2.86 0.47
CA LEU G 69 26.97 -3.54 -0.83
C LEU G 69 27.12 -2.55 -2.00
N ALA G 70 26.81 -1.27 -1.78
CA ALA G 70 26.92 -0.22 -2.82
C ALA G 70 28.41 0.06 -3.12
N GLY G 71 29.22 0.25 -2.09
CA GLY G 71 30.69 0.32 -2.23
C GLY G 71 31.22 -0.80 -3.11
N ASN G 72 30.79 -2.03 -2.89
CA ASN G 72 31.27 -3.22 -3.67
C ASN G 72 30.82 -3.12 -5.12
N ALA G 73 29.58 -2.67 -5.36
CA ALA G 73 29.03 -2.45 -6.71
C ALA G 73 29.89 -1.39 -7.44
N ALA G 74 30.19 -0.28 -6.77
CA ALA G 74 31.06 0.78 -7.33
C ALA G 74 32.40 0.16 -7.75
N ARG G 75 33.06 -0.55 -6.85
CA ARG G 75 34.40 -1.17 -7.06
C ARG G 75 34.34 -2.13 -8.26
N ASP G 76 33.30 -2.96 -8.37
CA ASP G 76 33.03 -3.82 -9.55
C ASP G 76 32.96 -2.98 -10.85
N ASN G 77 32.38 -1.78 -10.80
CA ASN G 77 32.14 -0.87 -11.97
C ASN G 77 33.39 0.00 -12.19
N LYS G 78 34.47 -0.29 -11.45
CA LYS G 78 35.80 0.37 -11.57
C LYS G 78 35.68 1.85 -11.21
N LYS G 79 34.92 2.18 -10.17
CA LYS G 79 34.64 3.59 -9.78
C LYS G 79 34.98 3.74 -8.32
N THR G 80 35.39 4.93 -7.91
CA THR G 80 35.68 5.23 -6.49
C THR G 80 34.44 5.86 -5.84
N ARG G 81 33.47 6.36 -6.63
CA ARG G 81 32.27 7.03 -6.04
C ARG G 81 31.01 6.19 -6.24
N ILE G 82 30.25 6.00 -5.17
CA ILE G 82 28.88 5.41 -5.22
C ILE G 82 27.94 6.37 -5.98
N ILE G 83 27.34 5.90 -7.08
CA ILE G 83 26.17 6.55 -7.75
C ILE G 83 24.88 5.76 -7.51
N PRO G 84 23.70 6.37 -7.79
CA PRO G 84 22.41 5.73 -7.56
C PRO G 84 22.36 4.36 -8.23
N ARG G 85 22.99 4.18 -9.37
CA ARG G 85 22.96 2.85 -10.00
C ARG G 85 23.55 1.81 -9.02
N HIS G 86 24.59 2.18 -8.26
CA HIS G 86 25.28 1.25 -7.33
C HIS G 86 24.31 0.95 -6.18
N LEU G 87 23.50 1.93 -5.79
CA LEU G 87 22.56 1.71 -4.68
C LEU G 87 21.47 0.76 -5.14
N GLN G 88 21.09 0.87 -6.40
CA GLN G 88 19.99 0.03 -6.97
C GLN G 88 20.53 -1.40 -7.12
N LEU G 89 21.73 -1.56 -7.64
CA LEU G 89 22.36 -2.90 -7.79
C LEU G 89 22.48 -3.55 -6.42
N ALA G 90 22.99 -2.84 -5.44
CA ALA G 90 23.10 -3.35 -4.05
C ALA G 90 21.72 -3.81 -3.57
N ILE G 91 20.71 -2.94 -3.67
CA ILE G 91 19.39 -3.16 -3.06
C ILE G 91 18.68 -4.30 -3.78
N ARG G 92 18.72 -4.33 -5.11
CA ARG G 92 17.88 -5.29 -5.86
C ARG G 92 18.56 -6.66 -5.88
N ASN G 93 19.88 -6.77 -5.64
CA ASN G 93 20.56 -8.10 -5.62
C ASN G 93 20.50 -8.69 -4.21
N ASP G 94 20.01 -7.96 -3.23
CA ASP G 94 19.91 -8.46 -1.85
C ASP G 94 18.44 -8.74 -1.52
N GLU G 95 18.13 -9.97 -1.17
CA GLU G 95 16.76 -10.50 -0.97
C GLU G 95 16.02 -9.62 0.04
N GLU G 96 16.67 -9.32 1.16
CA GLU G 96 16.02 -8.63 2.32
C GLU G 96 15.96 -7.12 2.09
N LEU G 97 17.00 -6.48 1.57
CA LEU G 97 16.95 -5.02 1.25
C LEU G 97 15.88 -4.81 0.17
N ASN G 98 15.86 -5.67 -0.83
CA ASN G 98 14.86 -5.66 -1.91
C ASN G 98 13.43 -5.74 -1.35
N LYS G 99 13.12 -6.70 -0.48
CA LYS G 99 11.81 -6.76 0.23
C LYS G 99 11.59 -5.46 1.03
N LEU G 100 12.59 -4.96 1.77
CA LEU G 100 12.36 -3.78 2.65
C LEU G 100 12.00 -2.59 1.75
N LEU G 101 12.61 -2.48 0.57
CA LEU G 101 12.41 -1.33 -0.35
C LEU G 101 11.60 -1.74 -1.59
N GLY G 102 10.67 -2.68 -1.43
CA GLY G 102 9.94 -3.27 -2.58
C GLY G 102 9.05 -2.21 -3.25
N GLY G 103 8.55 -1.24 -2.47
CA GLY G 103 7.68 -0.19 -3.04
C GLY G 103 8.43 1.13 -3.22
N VAL G 104 9.73 1.09 -3.51
CA VAL G 104 10.51 2.35 -3.56
C VAL G 104 11.17 2.42 -4.92
N THR G 105 11.13 3.57 -5.56
CA THR G 105 11.86 3.86 -6.81
C THR G 105 13.11 4.65 -6.46
N ILE G 106 14.26 4.17 -6.90
CA ILE G 106 15.59 4.85 -6.81
C ILE G 106 15.73 5.56 -8.14
N ALA G 107 15.69 6.88 -8.12
CA ALA G 107 15.90 7.74 -9.30
C ALA G 107 17.26 7.38 -9.90
N GLN G 108 17.38 7.34 -11.23
CA GLN G 108 18.64 7.02 -11.92
C GLN G 108 19.21 5.67 -11.45
N GLY G 109 18.37 4.73 -11.03
CA GLY G 109 18.75 3.36 -10.64
C GLY G 109 18.80 2.42 -11.82
N GLY G 110 17.89 2.57 -12.75
CA GLY G 110 17.67 1.55 -13.81
C GLY G 110 17.20 0.24 -13.21
N VAL G 111 17.38 -0.86 -13.91
CA VAL G 111 16.90 -2.19 -13.45
C VAL G 111 18.04 -3.21 -13.50
N LEU G 112 17.81 -4.39 -12.96
CA LEU G 112 18.75 -5.52 -13.08
C LEU G 112 18.73 -6.05 -14.51
N PRO G 113 19.89 -6.37 -15.14
CA PRO G 113 19.88 -7.19 -16.36
C PRO G 113 19.10 -8.48 -16.15
N ASN G 114 18.07 -8.72 -16.94
CA ASN G 114 17.17 -9.90 -16.82
C ASN G 114 16.35 -10.01 -18.09
N ILE G 115 16.65 -11.05 -18.88
CA ILE G 115 15.96 -11.44 -20.14
C ILE G 115 15.34 -12.81 -19.92
N GLN G 116 14.03 -12.92 -20.13
CA GLN G 116 13.29 -14.19 -19.98
C GLN G 116 13.90 -15.18 -20.96
N ALA G 117 14.14 -16.40 -20.49
CA ALA G 117 14.85 -17.48 -21.21
C ALA G 117 14.21 -17.68 -22.59
N VAL G 118 12.88 -17.74 -22.70
CA VAL G 118 12.19 -18.04 -23.99
C VAL G 118 12.54 -17.01 -25.07
N LEU G 119 12.96 -15.81 -24.68
CA LEU G 119 13.24 -14.71 -25.64
C LEU G 119 14.63 -14.89 -26.28
N LEU G 120 15.51 -15.68 -25.67
CA LEU G 120 16.87 -15.98 -26.20
C LEU G 120 16.79 -16.82 -27.46
N PRO G 121 17.68 -16.57 -28.45
CA PRO G 121 17.64 -17.30 -29.72
C PRO G 121 17.94 -18.81 -29.52
N LYS G 122 17.41 -19.63 -30.43
CA LYS G 122 17.55 -21.12 -30.48
C LYS G 122 19.03 -21.56 -30.51
N LYS G 123 19.32 -22.76 -30.00
CA LYS G 123 20.65 -23.46 -30.02
C LYS G 123 21.36 -23.31 -31.38
N THR G 124 22.60 -22.81 -31.37
CA THR G 124 23.47 -22.60 -32.57
C THR G 124 24.84 -23.24 -32.29
N SER G 125 25.83 -22.99 -33.17
CA SER G 125 27.28 -23.33 -33.04
C SER G 125 27.47 -24.79 -32.58
N ALA G 126 28.32 -25.04 -31.58
CA ALA G 126 28.71 -26.39 -31.09
C ALA G 126 28.50 -26.48 -29.57
N ARG H 33 24.44 37.96 0.39
CA ARG H 33 23.21 37.11 0.42
C ARG H 33 23.14 36.41 1.79
N LYS H 34 22.15 35.53 1.99
CA LYS H 34 21.82 34.87 3.29
C LYS H 34 22.09 33.36 3.16
N ARG H 35 21.24 32.49 3.72
CA ARG H 35 21.45 31.01 3.69
C ARG H 35 20.13 30.25 3.51
N SER H 36 19.47 29.89 4.64
CA SER H 36 18.33 28.93 4.78
C SER H 36 18.87 27.54 5.15
N ARG H 37 18.99 27.25 6.46
CA ARG H 37 19.57 26.00 7.02
C ARG H 37 18.64 24.82 6.74
N LYS H 38 19.04 23.87 5.90
CA LYS H 38 18.31 22.57 5.68
C LYS H 38 19.17 21.42 6.23
N GLU H 39 18.68 20.74 7.27
CA GLU H 39 19.38 19.57 7.88
C GLU H 39 19.26 18.34 6.94
N SER H 40 20.35 17.59 6.80
CA SER H 40 20.41 16.25 6.15
C SER H 40 21.35 15.35 6.94
N TYR H 41 21.33 14.06 6.64
CA TYR H 41 22.07 13.02 7.39
C TYR H 41 23.42 12.82 6.73
N SER H 42 23.75 13.67 5.76
CA SER H 42 24.97 13.54 4.93
C SER H 42 26.25 13.26 5.75
N ILE H 43 26.52 13.94 6.87
CA ILE H 43 27.84 13.83 7.56
C ILE H 43 27.95 12.43 8.17
N TYR H 44 26.84 11.87 8.63
CA TYR H 44 26.77 10.56 9.31
C TYR H 44 26.90 9.46 8.25
N VAL H 45 26.26 9.68 7.11
CA VAL H 45 26.36 8.72 5.97
C VAL H 45 27.81 8.71 5.51
N TYR H 46 28.49 9.87 5.44
CA TYR H 46 29.95 9.93 5.09
C TYR H 46 30.82 9.19 6.13
N LYS H 47 30.58 9.43 7.42
CA LYS H 47 31.34 8.80 8.51
C LYS H 47 31.22 7.29 8.40
N VAL H 48 29.99 6.81 8.21
CA VAL H 48 29.72 5.36 8.08
C VAL H 48 30.37 4.86 6.81
N LEU H 49 30.19 5.57 5.72
CA LEU H 49 30.91 5.23 4.47
C LEU H 49 32.42 5.10 4.74
N LYS H 50 33.03 6.02 5.47
CA LYS H 50 34.51 6.02 5.68
C LYS H 50 34.89 4.78 6.46
N GLN H 51 34.04 4.36 7.41
CA GLN H 51 34.27 3.15 8.23
C GLN H 51 34.24 1.89 7.35
N VAL H 52 33.30 1.75 6.40
CA VAL H 52 33.09 0.45 5.70
C VAL H 52 33.93 0.41 4.43
N HIS H 53 34.15 1.55 3.79
CA HIS H 53 34.86 1.65 2.49
C HIS H 53 35.69 2.92 2.51
N PRO H 54 36.88 2.87 3.16
CA PRO H 54 37.63 4.08 3.50
C PRO H 54 38.09 4.90 2.28
N ASP H 55 38.20 4.30 1.09
CA ASP H 55 38.63 5.00 -0.14
C ASP H 55 37.47 5.18 -1.16
N THR H 56 36.21 5.10 -0.73
CA THR H 56 35.03 5.27 -1.62
C THR H 56 34.36 6.63 -1.34
N GLY H 57 33.99 7.38 -2.37
CA GLY H 57 33.11 8.54 -2.17
C GLY H 57 31.66 8.24 -2.55
N ILE H 58 30.88 9.29 -2.75
CA ILE H 58 29.43 9.21 -3.06
C ILE H 58 29.01 10.47 -3.83
N SER H 59 28.25 10.36 -4.93
CA SER H 59 27.71 11.54 -5.70
C SER H 59 26.61 12.23 -4.90
N SER H 60 26.31 13.52 -5.14
CA SER H 60 25.20 14.22 -4.41
C SER H 60 23.86 13.49 -4.63
N LYS H 61 23.61 12.96 -5.81
CA LYS H 61 22.39 12.18 -6.09
C LYS H 61 22.35 10.93 -5.19
N ALA H 62 23.41 10.13 -5.14
CA ALA H 62 23.47 8.95 -4.24
C ALA H 62 23.19 9.40 -2.82
N MET H 63 23.72 10.54 -2.40
CA MET H 63 23.56 11.03 -1.02
C MET H 63 22.09 11.40 -0.81
N GLY H 64 21.48 11.93 -1.87
CA GLY H 64 20.04 12.22 -1.94
C GLY H 64 19.21 10.99 -1.70
N ILE H 65 19.59 9.92 -2.37
CA ILE H 65 18.93 8.60 -2.13
C ILE H 65 19.14 8.12 -0.70
N MET H 66 20.35 8.23 -0.15
CA MET H 66 20.60 7.75 1.24
C MET H 66 19.79 8.60 2.22
N ASN H 67 19.71 9.90 2.01
CA ASN H 67 18.85 10.81 2.82
C ASN H 67 17.37 10.42 2.73
N SER H 68 16.89 10.12 1.53
CA SER H 68 15.50 9.62 1.32
C SER H 68 15.32 8.35 2.15
N PHE H 69 16.28 7.44 2.02
CA PHE H 69 16.25 6.12 2.68
C PHE H 69 16.16 6.34 4.19
N VAL H 70 16.99 7.22 4.74
CA VAL H 70 16.97 7.35 6.23
C VAL H 70 15.60 7.92 6.65
N ASN H 71 15.17 9.02 6.01
CA ASN H 71 13.87 9.66 6.35
C ASN H 71 12.77 8.59 6.21
N ASP H 72 12.79 7.77 5.15
CA ASP H 72 11.69 6.81 4.94
C ASP H 72 11.65 5.85 6.15
N ILE H 73 12.74 5.17 6.48
CA ILE H 73 12.73 4.11 7.54
C ILE H 73 12.44 4.72 8.92
N PHE H 74 12.98 5.91 9.17
CA PHE H 74 12.63 6.68 10.39
C PHE H 74 11.09 6.72 10.54
N GLU H 75 10.38 7.25 9.53
CA GLU H 75 8.91 7.48 9.57
C GLU H 75 8.26 6.14 9.80
N ARG H 76 8.71 5.11 9.11
CA ARG H 76 8.08 3.77 9.25
C ARG H 76 8.17 3.34 10.72
N ILE H 77 9.36 3.44 11.34
CA ILE H 77 9.57 2.84 12.70
C ILE H 77 8.80 3.69 13.70
N ALA H 78 8.91 5.02 13.61
CA ALA H 78 8.22 5.92 14.56
C ALA H 78 6.70 5.78 14.40
N GLY H 79 6.23 5.65 13.17
CA GLY H 79 4.79 5.47 12.91
C GLY H 79 4.27 4.23 13.61
N GLU H 80 4.89 3.09 13.31
CA GLU H 80 4.60 1.79 13.95
C GLU H 80 4.72 1.90 15.48
N ALA H 81 5.76 2.57 15.98
CA ALA H 81 5.97 2.78 17.42
C ALA H 81 4.80 3.58 17.99
N SER H 82 4.28 4.56 17.25
CA SER H 82 3.13 5.41 17.71
C SER H 82 1.92 4.52 17.96
N ARG H 83 1.59 3.71 16.97
CA ARG H 83 0.44 2.78 17.01
C ARG H 83 0.60 1.82 18.19
N LEU H 84 1.75 1.13 18.27
CA LEU H 84 2.08 0.21 19.40
C LEU H 84 1.72 0.85 20.74
N ALA H 85 2.22 2.06 21.02
CA ALA H 85 1.89 2.83 22.23
C ALA H 85 0.37 2.98 22.33
N HIS H 86 -0.25 3.55 21.30
CA HIS H 86 -1.71 3.83 21.26
C HIS H 86 -2.51 2.54 21.48
N TYR H 87 -2.16 1.44 20.82
CA TYR H 87 -2.90 0.15 20.96
C TYR H 87 -2.89 -0.29 22.42
N ASN H 88 -1.82 0.06 23.16
CA ASN H 88 -1.55 -0.45 24.53
C ASN H 88 -1.82 0.64 25.55
N LYS H 89 -2.47 1.73 25.14
CA LYS H 89 -2.96 2.82 26.04
C LYS H 89 -1.78 3.40 26.80
N ARG H 90 -0.67 3.64 26.10
CA ARG H 90 0.60 4.15 26.68
C ARG H 90 0.91 5.49 26.02
N SER H 91 1.43 6.40 26.82
CA SER H 91 1.67 7.83 26.49
C SER H 91 3.07 7.98 25.90
N THR H 92 3.90 6.95 26.10
CA THR H 92 5.38 7.02 25.94
C THR H 92 5.86 6.02 24.91
N ILE H 93 6.63 6.51 23.93
CA ILE H 93 7.43 5.69 22.97
C ILE H 93 8.77 5.34 23.66
N THR H 94 8.97 4.08 24.04
CA THR H 94 10.24 3.57 24.65
C THR H 94 11.01 2.80 23.60
N SER H 95 12.26 2.45 23.92
CA SER H 95 13.11 1.54 23.12
C SER H 95 12.36 0.25 22.81
N ARG H 96 11.47 -0.19 23.69
CA ARG H 96 10.69 -1.46 23.51
C ARG H 96 9.69 -1.29 22.35
N GLU H 97 9.13 -0.10 22.15
CA GLU H 97 8.22 0.19 21.02
C GLU H 97 9.06 0.18 19.74
N ILE H 98 10.22 0.83 19.78
CA ILE H 98 11.18 0.83 18.64
C ILE H 98 11.50 -0.62 18.29
N GLN H 99 11.75 -1.45 19.30
CA GLN H 99 12.20 -2.84 19.06
C GLN H 99 11.07 -3.58 18.36
N THR H 100 9.86 -3.56 18.92
CA THR H 100 8.70 -4.23 18.32
C THR H 100 8.46 -3.68 16.91
N ALA H 101 8.52 -2.36 16.73
CA ALA H 101 8.35 -1.72 15.40
C ALA H 101 9.39 -2.31 14.45
N VAL H 102 10.64 -2.46 14.87
CA VAL H 102 11.71 -3.08 14.02
C VAL H 102 11.33 -4.49 13.62
N ARG H 103 10.85 -5.34 14.53
CA ARG H 103 10.59 -6.76 14.17
C ARG H 103 9.42 -6.82 13.17
N LEU H 104 8.41 -5.97 13.35
CA LEU H 104 7.27 -5.87 12.41
C LEU H 104 7.78 -5.45 11.00
N LEU H 105 8.66 -4.44 10.91
CA LEU H 105 9.02 -3.72 9.65
C LEU H 105 10.14 -4.44 8.90
N LEU H 106 11.21 -4.90 9.55
CA LEU H 106 12.40 -5.39 8.82
C LEU H 106 12.23 -6.88 8.58
N PRO H 107 12.70 -7.40 7.44
CA PRO H 107 12.68 -8.84 7.23
C PRO H 107 13.82 -9.55 8.00
N GLY H 108 13.48 -10.71 8.58
CA GLY H 108 14.37 -11.83 8.95
C GLY H 108 15.69 -11.42 9.58
N GLU H 109 16.76 -11.64 8.83
CA GLU H 109 18.15 -11.45 9.24
C GLU H 109 18.35 -9.97 9.54
N LEU H 110 17.76 -9.10 8.73
CA LEU H 110 17.95 -7.65 8.91
C LEU H 110 17.39 -7.30 10.29
N ALA H 111 16.21 -7.82 10.65
CA ALA H 111 15.59 -7.57 11.98
C ALA H 111 16.51 -8.07 13.11
N LYS H 112 17.07 -9.28 13.03
CA LYS H 112 17.93 -9.87 14.08
C LYS H 112 19.09 -8.92 14.31
N HIS H 113 19.81 -8.57 13.25
CA HIS H 113 21.03 -7.72 13.32
C HIS H 113 20.70 -6.32 13.86
N ALA H 114 19.53 -5.80 13.48
CA ALA H 114 19.04 -4.45 13.81
C ALA H 114 18.76 -4.36 15.33
N VAL H 115 18.06 -5.36 15.86
CA VAL H 115 17.74 -5.55 17.29
C VAL H 115 19.03 -5.66 18.12
N SER H 116 20.06 -6.38 17.66
CA SER H 116 21.34 -6.51 18.40
C SER H 116 22.01 -5.15 18.47
N GLU H 117 22.04 -4.42 17.35
CA GLU H 117 22.66 -3.08 17.33
C GLU H 117 21.86 -2.16 18.24
N GLY H 118 20.53 -2.30 18.24
CA GLY H 118 19.64 -1.47 19.06
C GLY H 118 19.87 -1.74 20.53
N THR H 119 19.73 -3.00 20.95
CA THR H 119 19.95 -3.52 22.33
C THR H 119 21.36 -3.10 22.84
N LYS H 120 22.39 -3.31 22.02
CA LYS H 120 23.82 -3.01 22.38
C LYS H 120 23.93 -1.51 22.64
N ALA H 121 23.38 -0.65 21.78
CA ALA H 121 23.48 0.81 21.91
C ALA H 121 22.78 1.30 23.18
N VAL H 122 21.63 0.71 23.52
CA VAL H 122 20.82 1.14 24.69
C VAL H 122 21.51 0.65 25.98
N THR H 123 21.94 -0.61 26.04
CA THR H 123 22.78 -1.14 27.15
C THR H 123 23.98 -0.20 27.37
N LYS H 124 24.74 0.12 26.32
CA LYS H 124 25.99 0.93 26.43
C LYS H 124 25.63 2.30 26.99
N TYR H 125 24.64 2.98 26.39
CA TYR H 125 24.21 4.34 26.76
C TYR H 125 23.78 4.40 28.24
N THR H 126 23.07 3.39 28.75
CA THR H 126 22.49 3.40 30.12
C THR H 126 23.60 3.19 31.17
N SER H 127 24.71 2.56 30.79
CA SER H 127 25.96 2.46 31.59
C SER H 127 26.71 3.81 31.58
N ALA H 128 26.59 4.60 30.51
CA ALA H 128 27.35 5.86 30.30
C ALA H 128 26.53 7.04 30.82
N LYS H 129 25.79 6.83 31.91
CA LYS H 129 24.92 7.85 32.56
C LYS H 129 25.77 9.05 32.98
CL CL K . -10.71 24.88 12.11
CL CL L . 13.23 4.32 26.58
MN MN M . 35.18 -2.50 4.77
MN MN N . 33.94 6.07 -29.57
MN MN O . 28.45 22.03 4.11
MN MN P . -1.43 -9.77 34.98
MN MN Q . -19.00 -26.64 22.53
MN MN R . 4.06 -20.38 -33.61
MN MN S . 5.79 32.46 13.75
MN MN T . -28.31 -3.95 21.78
MN MN U . -43.09 -17.07 3.42
MN MN V . 8.89 2.40 38.98
MN MN W . -3.80 -17.57 38.89
MN MN X . -24.59 -31.93 13.85
MN MN Y . 40.39 18.85 -2.96
MN MN Z . 44.37 16.79 -13.36
MN MN AA . 10.31 8.75 -47.04
MN MN BA . -22.78 16.56 28.39
MN MN CA . -32.73 8.21 29.99
K K DA . 11.79 31.50 -7.80
MN MN EA . 40.14 4.23 -19.02
MN MN FA . 29.30 19.65 -0.93
MN MN GA . 35.51 24.10 12.71
MN MN HA . -2.21 4.95 35.85
MN MN IA . -8.97 -27.70 -26.88
MN MN JA . 3.82 35.05 -0.86
MN MN KA . -11.77 30.46 22.16
MN MN LA . -43.92 -21.51 -9.34
MN MN MA . -41.79 -31.48 -2.49
MN MN NA . 5.90 40.73 -6.25
MN MN OA . 19.39 26.82 -21.51
MN MN PA . 18.28 16.01 34.17
MN MN QA . -26.76 -0.39 24.97
MN MN RA . 26.15 21.01 21.36
MN MN SA . 32.32 24.94 -9.20
MN MN TA . 32.30 16.24 -17.48
K K UA . -10.40 -15.39 30.04
#